data_5K16
#
_entry.id   5K16
#
_cell.length_a   52.396
_cell.length_b   109.636
_cell.length_c   134.193
_cell.angle_alpha   90.00
_cell.angle_beta   90.00
_cell.angle_gamma   90.00
#
_symmetry.space_group_name_H-M   'P 21 21 21'
#
loop_
_entity.id
_entity.type
_entity.pdbx_description
1 polymer 'Ubiquitin carboxyl-terminal hydrolase 12'
2 non-polymer 'ZINC ION'
3 non-polymer GLYCEROL
4 water water
#
_entity_poly.entity_id   1
_entity_poly.type   'polypeptide(L)'
_entity_poly.pdbx_seq_one_letter_code
;MGANASALEKEIGPEQFPVNEHYFGLVNFGNTCYCNSVLQALYFCRPFREKVLAYKSQPRKKESLLTCLADLFHSIATQK
KKVGVIPPKKFITRLRKENELFDNYMQQDAHEFLNYLLNTIADILQEERKQEKQNGRLPNGNIDNENNNSTPDPTWVHEI
FQGTLTNETRCLTCETISSKDEDFLDLSVDVEQNTSITHCLRGFSNTETLCSEYKYYCEECRSKQEAHKRMKVKKLPMIL
ALHLKRFKYMDQLHRYTKLSYRVVFPLELRLFNTSGDATNPDRMYDLVAVVVHCGSGPNRGHYIAIVKSHDFWLLFDDDI
VEKIDAQAIEEFYGLTSDISKNSESGYILFYQSRD
;
_entity_poly.pdbx_strand_id   A,B
#
loop_
_chem_comp.id
_chem_comp.type
_chem_comp.name
_chem_comp.formula
GOL non-polymer GLYCEROL 'C3 H8 O3'
ZN non-polymer 'ZINC ION' 'Zn 2'
#
# COMPACT_ATOMS: atom_id res chain seq x y z
N SER A 6 -12.87 18.21 42.81
CA SER A 6 -11.78 18.37 41.84
C SER A 6 -12.24 19.02 40.54
N ALA A 7 -11.28 19.55 39.79
CA ALA A 7 -11.56 20.25 38.54
C ALA A 7 -11.98 19.28 37.44
N LEU A 8 -11.62 18.01 37.60
CA LEU A 8 -12.07 16.99 36.66
C LEU A 8 -13.58 16.84 36.74
N GLU A 9 -14.11 16.56 37.92
CA GLU A 9 -15.56 16.51 38.13
C GLU A 9 -16.19 17.83 37.68
N LYS A 10 -15.54 18.94 38.05
CA LYS A 10 -16.03 20.27 37.71
C LYS A 10 -16.22 20.43 36.20
N GLU A 11 -15.35 19.80 35.43
CA GLU A 11 -15.37 20.04 33.99
C GLU A 11 -16.24 19.06 33.25
N ILE A 12 -16.49 17.90 33.85
CA ILE A 12 -17.43 16.99 33.26
C ILE A 12 -18.81 17.58 33.49
N GLY A 13 -18.98 18.14 34.69
CA GLY A 13 -20.25 18.62 35.17
C GLY A 13 -20.90 17.54 36.01
N PRO A 14 -21.56 17.95 37.10
CA PRO A 14 -22.26 17.01 38.01
C PRO A 14 -23.39 16.29 37.30
N GLU A 15 -23.96 16.90 36.27
CA GLU A 15 -24.97 16.22 35.46
C GLU A 15 -24.35 15.13 34.57
N GLN A 16 -23.23 15.44 33.93
CA GLN A 16 -22.64 14.52 32.97
C GLN A 16 -21.77 13.44 33.63
N PHE A 17 -21.41 13.67 34.89
CA PHE A 17 -20.55 12.71 35.59
C PHE A 17 -21.28 11.40 35.87
N PRO A 18 -20.80 10.29 35.28
CA PRO A 18 -21.43 8.97 35.26
C PRO A 18 -21.61 8.35 36.64
N VAL A 19 -22.63 7.51 36.74
CA VAL A 19 -22.90 6.82 37.99
C VAL A 19 -21.84 5.77 38.28
N ASN A 20 -21.30 5.84 39.48
CA ASN A 20 -20.32 4.89 39.99
C ASN A 20 -19.03 4.81 39.20
N GLU A 21 -18.76 5.84 38.42
CA GLU A 21 -17.51 5.90 37.67
C GLU A 21 -16.43 6.54 38.56
N HIS A 22 -15.21 6.04 38.44
CA HIS A 22 -14.05 6.62 39.14
C HIS A 22 -12.97 6.97 38.14
N TYR A 23 -12.42 8.17 38.25
CA TYR A 23 -11.36 8.61 37.34
C TYR A 23 -10.08 8.87 38.11
N PHE A 24 -9.20 7.88 38.12
CA PHE A 24 -8.00 7.91 38.95
C PHE A 24 -6.70 7.72 38.15
N GLY A 25 -5.77 8.66 38.33
CA GLY A 25 -4.48 8.60 37.66
C GLY A 25 -3.56 7.59 38.30
N LEU A 26 -2.55 7.16 37.56
CA LEU A 26 -1.55 6.23 38.07
C LEU A 26 -0.24 6.94 38.19
N VAL A 27 0.47 6.70 39.29
CA VAL A 27 1.78 7.34 39.48
C VAL A 27 2.83 6.67 38.60
N ASN A 28 3.62 7.48 37.91
CA ASN A 28 4.82 7.01 37.21
C ASN A 28 5.90 6.69 38.24
N PHE A 29 6.52 5.53 38.14
CA PHE A 29 7.60 5.24 39.08
C PHE A 29 8.93 5.44 38.39
N GLY A 30 8.90 6.20 37.31
CA GLY A 30 10.08 6.42 36.49
C GLY A 30 10.08 5.52 35.27
N ASN A 31 9.61 6.06 34.15
CA ASN A 31 9.49 5.31 32.92
C ASN A 31 8.55 4.13 33.10
N THR A 32 7.42 4.36 33.73
CA THR A 32 6.44 3.29 33.83
C THR A 32 5.13 3.71 33.20
N CYS A 33 5.21 4.73 32.34
CA CYS A 33 4.02 5.25 31.66
C CYS A 33 3.60 4.34 30.50
N TYR A 34 4.54 3.49 30.03
CA TYR A 34 4.24 2.48 29.04
C TYR A 34 3.29 1.46 29.61
N CYS A 35 3.33 1.36 30.93
CA CYS A 35 2.46 0.48 31.67
C CYS A 35 1.15 1.16 32.11
N ASN A 36 1.25 2.33 32.72
CA ASN A 36 0.09 3.14 33.05
C ASN A 36 -0.89 3.31 31.91
N SER A 37 -0.38 3.75 30.75
CA SER A 37 -1.23 4.11 29.61
C SER A 37 -1.98 2.91 29.09
N VAL A 38 -1.29 1.78 28.99
CA VAL A 38 -1.94 0.55 28.56
C VAL A 38 -2.93 0.06 29.63
N LEU A 39 -2.54 0.23 30.90
CA LEU A 39 -3.45 -0.11 32.00
C LEU A 39 -4.74 0.72 31.91
N GLN A 40 -4.63 2.02 31.68
CA GLN A 40 -5.82 2.87 31.54
C GLN A 40 -6.64 2.44 30.36
N ALA A 41 -5.96 2.20 29.23
CA ALA A 41 -6.65 1.78 28.02
C ALA A 41 -7.49 0.52 28.28
N LEU A 42 -6.93 -0.42 29.03
CA LEU A 42 -7.58 -1.71 29.27
C LEU A 42 -8.74 -1.53 30.24
N TYR A 43 -8.54 -0.64 31.19
CA TYR A 43 -9.57 -0.35 32.17
C TYR A 43 -10.81 0.23 31.51
N PHE A 44 -10.61 0.85 30.36
CA PHE A 44 -11.73 1.46 29.69
C PHE A 44 -12.20 0.62 28.53
N CYS A 45 -11.70 -0.62 28.45
CA CYS A 45 -12.37 -1.66 27.66
C CYS A 45 -13.32 -2.42 28.59
N ARG A 46 -14.59 -2.00 28.62
CA ARG A 46 -15.57 -2.50 29.60
C ARG A 46 -15.74 -4.03 29.66
N PRO A 47 -15.79 -4.72 28.51
CA PRO A 47 -15.76 -6.18 28.65
C PRO A 47 -14.56 -6.68 29.47
N PHE A 48 -13.41 -6.04 29.29
CA PHE A 48 -12.21 -6.48 29.99
C PHE A 48 -12.25 -6.10 31.46
N ARG A 49 -12.64 -4.86 31.74
CA ARG A 49 -12.77 -4.43 33.13
C ARG A 49 -13.70 -5.38 33.86
N GLU A 50 -14.77 -5.83 33.20
CA GLU A 50 -15.73 -6.64 33.93
C GLU A 50 -15.22 -8.02 34.27
N LYS A 51 -14.53 -8.64 33.32
CA LYS A 51 -14.01 -9.97 33.52
C LYS A 51 -12.97 -9.96 34.62
N VAL A 52 -12.21 -8.88 34.76
CA VAL A 52 -11.12 -8.92 35.73
C VAL A 52 -11.68 -8.53 37.09
N LEU A 53 -12.66 -7.62 37.12
CA LEU A 53 -13.35 -7.30 38.37
C LEU A 53 -13.94 -8.58 38.91
N ALA A 54 -14.55 -9.35 38.01
CA ALA A 54 -15.23 -10.57 38.38
C ALA A 54 -14.23 -11.60 38.82
N TYR A 55 -12.98 -11.45 38.41
CA TYR A 55 -11.95 -12.38 38.81
C TYR A 55 -11.56 -12.16 40.27
N LYS A 56 -11.47 -10.89 40.67
CA LYS A 56 -11.13 -10.54 42.03
C LYS A 56 -12.09 -11.21 43.03
N SER A 57 -13.37 -11.14 42.72
CA SER A 57 -14.44 -11.79 43.48
C SER A 57 -14.15 -13.27 43.82
N GLN A 58 -13.83 -14.07 42.81
CA GLN A 58 -13.40 -15.47 43.02
C GLN A 58 -12.10 -15.44 43.84
N LYS A 61 -6.36 -18.72 42.30
CA LYS A 61 -6.39 -17.63 43.28
C LYS A 61 -4.99 -17.30 43.81
N LYS A 62 -3.98 -18.09 43.43
CA LYS A 62 -2.61 -17.89 43.89
C LYS A 62 -1.92 -16.74 43.14
N GLU A 63 -1.14 -15.94 43.88
CA GLU A 63 -0.60 -14.68 43.38
C GLU A 63 0.04 -14.80 41.99
N SER A 64 -0.38 -13.91 41.11
CA SER A 64 0.02 -13.91 39.72
C SER A 64 0.02 -12.48 39.21
N LEU A 65 0.30 -12.29 37.93
CA LEU A 65 0.13 -10.99 37.32
C LEU A 65 -1.35 -10.61 37.38
N LEU A 66 -2.22 -11.59 37.15
CA LEU A 66 -3.65 -11.35 37.07
C LEU A 66 -4.24 -10.92 38.42
N THR A 67 -3.72 -11.44 39.53
CA THR A 67 -4.26 -11.08 40.83
C THR A 67 -3.94 -9.61 41.10
N CYS A 68 -2.75 -9.21 40.71
CA CYS A 68 -2.33 -7.84 40.89
C CYS A 68 -3.16 -6.89 40.03
N LEU A 69 -3.41 -7.27 38.78
CA LEU A 69 -4.28 -6.49 37.91
C LEU A 69 -5.67 -6.36 38.54
N ALA A 70 -6.22 -7.50 38.92
CA ALA A 70 -7.53 -7.56 39.57
C ALA A 70 -7.56 -6.76 40.88
N ASP A 71 -6.55 -6.91 41.73
CA ASP A 71 -6.45 -6.04 42.91
C ASP A 71 -6.51 -4.59 42.49
N LEU A 72 -5.74 -4.25 41.46
CA LEU A 72 -5.63 -2.87 41.00
C LEU A 72 -6.93 -2.31 40.42
N PHE A 73 -7.51 -3.01 39.44
CA PHE A 73 -8.76 -2.56 38.85
C PHE A 73 -9.82 -2.45 39.94
N HIS A 74 -9.82 -3.44 40.84
CA HIS A 74 -10.71 -3.45 41.99
C HIS A 74 -10.51 -2.20 42.87
N SER A 75 -9.26 -1.95 43.25
CA SER A 75 -8.87 -0.77 44.01
C SER A 75 -9.43 0.53 43.43
N ILE A 76 -9.40 0.67 42.10
CA ILE A 76 -9.92 1.85 41.43
C ILE A 76 -11.44 1.93 41.46
N ALA A 77 -12.07 0.86 41.03
CA ALA A 77 -13.52 0.80 40.93
C ALA A 77 -14.19 0.79 42.31
N THR A 78 -13.39 0.72 43.36
CA THR A 78 -13.90 0.69 44.73
C THR A 78 -13.69 2.02 45.47
N GLN A 79 -12.74 2.81 44.98
CA GLN A 79 -12.38 4.11 45.57
C GLN A 79 -13.56 4.94 46.08
N LYS A 80 -13.37 5.56 47.24
CA LYS A 80 -14.41 6.41 47.85
C LYS A 80 -14.69 7.63 46.98
N LYS A 81 -13.65 8.43 46.75
CA LYS A 81 -13.79 9.65 45.96
C LYS A 81 -14.03 9.38 44.45
N LYS A 82 -14.52 10.38 43.74
CA LYS A 82 -14.82 10.25 42.33
C LYS A 82 -13.59 10.44 41.41
N VAL A 83 -12.66 11.28 41.85
CA VAL A 83 -11.43 11.54 41.12
C VAL A 83 -10.24 11.33 42.06
N GLY A 84 -9.06 11.05 41.50
CA GLY A 84 -7.89 10.85 42.33
C GLY A 84 -6.67 10.28 41.64
N VAL A 85 -5.83 9.59 42.41
CA VAL A 85 -4.51 9.14 41.99
C VAL A 85 -4.11 7.88 42.75
N ILE A 86 -3.74 6.81 42.07
CA ILE A 86 -3.28 5.59 42.73
C ILE A 86 -1.86 5.20 42.31
N PRO A 87 -1.01 4.82 43.27
CA PRO A 87 0.27 4.23 42.90
C PRO A 87 0.19 2.71 42.67
N PRO A 88 0.37 2.28 41.43
CA PRO A 88 0.25 0.84 41.22
C PRO A 88 1.51 0.08 41.64
N LYS A 89 2.05 0.35 42.83
CA LYS A 89 3.28 -0.29 43.30
C LYS A 89 3.32 -1.80 43.12
N LYS A 90 2.26 -2.48 43.55
CA LYS A 90 2.30 -3.93 43.62
C LYS A 90 2.30 -4.53 42.22
N PHE A 91 1.50 -3.93 41.33
CA PHE A 91 1.45 -4.42 39.96
C PHE A 91 2.81 -4.27 39.29
N ILE A 92 3.45 -3.12 39.47
CA ILE A 92 4.71 -2.89 38.77
C ILE A 92 5.82 -3.78 39.32
N THR A 93 5.84 -3.97 40.63
CA THR A 93 6.78 -4.92 41.22
C THR A 93 6.59 -6.33 40.69
N ARG A 94 5.34 -6.76 40.66
CA ARG A 94 5.01 -8.09 40.18
C ARG A 94 5.46 -8.24 38.73
N LEU A 95 5.29 -7.18 37.95
CA LEU A 95 5.67 -7.17 36.56
C LEU A 95 7.20 -7.26 36.40
N ARG A 96 7.92 -6.49 37.21
CA ARG A 96 9.38 -6.53 37.18
C ARG A 96 9.91 -7.86 37.71
N LYS A 97 9.34 -8.36 38.81
CA LYS A 97 9.72 -9.68 39.32
C LYS A 97 9.47 -10.78 38.29
N GLU A 98 8.36 -10.65 37.57
CA GLU A 98 7.89 -11.69 36.67
C GLU A 98 8.55 -11.69 35.30
N ASN A 99 8.72 -10.51 34.71
CA ASN A 99 9.38 -10.37 33.42
C ASN A 99 10.59 -9.47 33.55
N GLU A 100 11.76 -10.03 33.31
CA GLU A 100 12.97 -9.34 33.70
C GLU A 100 13.40 -8.35 32.61
N LEU A 101 12.77 -8.44 31.44
CA LEU A 101 13.05 -7.48 30.38
C LEU A 101 12.47 -6.10 30.70
N PHE A 102 11.55 -6.06 31.68
CA PHE A 102 11.02 -4.80 32.22
C PHE A 102 11.67 -4.38 33.55
N ASP A 103 12.53 -5.21 34.11
CA ASP A 103 13.10 -4.93 35.43
C ASP A 103 14.29 -3.96 35.37
N ASN A 104 14.00 -2.73 34.96
CA ASN A 104 14.99 -1.68 34.95
C ASN A 104 14.30 -0.35 34.82
N TYR A 105 15.06 0.74 34.79
CA TYR A 105 14.44 2.06 34.76
C TYR A 105 14.44 2.68 33.36
N MET A 106 14.85 1.89 32.37
CA MET A 106 14.74 2.30 30.98
C MET A 106 13.28 2.29 30.52
N GLN A 107 12.95 3.17 29.58
CA GLN A 107 11.64 3.19 28.96
C GLN A 107 11.37 1.86 28.26
N GLN A 108 10.12 1.46 28.21
CA GLN A 108 9.76 0.23 27.53
C GLN A 108 8.79 0.51 26.40
N ASP A 109 8.50 -0.53 25.62
CA ASP A 109 7.59 -0.47 24.50
C ASP A 109 6.19 -0.81 24.99
N ALA A 110 5.27 0.14 24.92
CA ALA A 110 3.93 -0.13 25.44
C ALA A 110 3.30 -1.37 24.79
N HIS A 111 3.68 -1.65 23.55
CA HIS A 111 3.08 -2.76 22.83
C HIS A 111 3.64 -4.09 23.28
N GLU A 112 4.91 -4.10 23.66
CA GLU A 112 5.47 -5.31 24.25
C GLU A 112 4.74 -5.62 25.56
N PHE A 113 4.46 -4.59 26.34
CA PHE A 113 3.75 -4.76 27.60
C PHE A 113 2.33 -5.31 27.41
N LEU A 114 1.52 -4.59 26.62
CA LEU A 114 0.19 -5.02 26.30
C LEU A 114 0.18 -6.49 25.90
N ASN A 115 1.04 -6.81 24.94
CA ASN A 115 1.15 -8.14 24.39
C ASN A 115 1.65 -9.14 25.43
N TYR A 116 2.61 -8.73 26.25
CA TYR A 116 3.04 -9.62 27.31
C TYR A 116 1.88 -9.85 28.28
N LEU A 117 1.22 -8.78 28.67
CA LEU A 117 0.16 -8.85 29.66
C LEU A 117 -0.99 -9.78 29.23
N LEU A 118 -1.47 -9.65 27.98
CA LEU A 118 -2.57 -10.45 27.49
C LEU A 118 -2.20 -11.92 27.34
N ASN A 119 -1.01 -12.19 26.82
CA ASN A 119 -0.50 -13.54 26.69
C ASN A 119 -0.41 -14.25 28.03
N THR A 120 0.03 -13.50 29.02
CA THR A 120 0.31 -14.05 30.33
C THR A 120 -1.00 -14.30 31.05
N ILE A 121 -1.87 -13.31 31.04
CA ILE A 121 -3.20 -13.44 31.63
C ILE A 121 -3.99 -14.54 30.91
N ALA A 122 -3.69 -14.74 29.62
CA ALA A 122 -4.35 -15.79 28.85
C ALA A 122 -4.05 -17.15 29.46
N ASP A 123 -2.78 -17.57 29.42
CA ASP A 123 -2.49 -18.94 29.82
C ASP A 123 -2.33 -19.11 31.34
N ILE A 124 -2.46 -18.03 32.09
CA ILE A 124 -2.74 -18.16 33.52
C ILE A 124 -4.11 -18.80 33.66
N LEU A 125 -5.04 -18.37 32.81
CA LEU A 125 -6.41 -18.83 32.90
C LEU A 125 -6.60 -20.16 32.15
N GLN A 126 -5.64 -20.51 31.31
CA GLN A 126 -5.62 -21.82 30.70
C GLN A 126 -5.25 -22.84 31.76
N GLU A 127 -4.07 -22.67 32.34
CA GLU A 127 -3.62 -23.55 33.41
C GLU A 127 -4.59 -23.61 34.59
N GLU A 128 -5.65 -22.83 34.50
CA GLU A 128 -6.60 -22.68 35.60
C GLU A 128 -7.84 -23.52 35.31
N ARG A 129 -8.23 -23.59 34.05
CA ARG A 129 -9.38 -24.40 33.69
C ARG A 129 -8.88 -25.76 33.26
N LYS A 130 -7.56 -25.92 33.27
CA LYS A 130 -6.96 -27.25 33.18
C LYS A 130 -6.95 -27.81 34.59
N GLN A 131 -7.38 -27.00 35.54
CA GLN A 131 -7.48 -27.43 36.93
C GLN A 131 -8.94 -27.45 37.38
N GLU A 132 -9.86 -27.41 36.42
CA GLU A 132 -11.27 -27.65 36.70
C GLU A 132 -11.72 -28.88 35.90
N LYS A 133 -11.39 -28.87 34.62
CA LYS A 133 -11.34 -30.08 33.82
C LYS A 133 -10.05 -30.77 34.22
N GLN A 134 -10.16 -32.01 34.72
CA GLN A 134 -9.04 -32.73 35.34
C GLN A 134 -8.58 -32.03 36.61
N ASN A 135 -9.44 -32.01 37.62
CA ASN A 135 -9.14 -31.40 38.92
C ASN A 135 -7.88 -31.98 39.58
N PRO A 152 -7.44 -25.03 24.45
CA PRO A 152 -8.42 -26.11 24.34
C PRO A 152 -9.85 -25.62 24.57
N ASP A 153 -10.09 -24.94 25.67
CA ASP A 153 -11.38 -24.29 25.86
C ASP A 153 -11.11 -22.79 26.05
N PRO A 154 -11.18 -22.05 24.92
CA PRO A 154 -10.96 -20.60 24.91
C PRO A 154 -11.39 -19.67 26.03
N THR A 155 -10.37 -18.95 26.51
CA THR A 155 -10.44 -18.16 27.75
C THR A 155 -11.21 -16.85 27.56
N TRP A 156 -11.55 -16.17 28.65
CA TRP A 156 -12.26 -14.92 28.48
C TRP A 156 -11.36 -13.80 27.94
N VAL A 157 -10.04 -13.99 28.02
CA VAL A 157 -9.13 -13.09 27.35
C VAL A 157 -9.32 -13.23 25.85
N HIS A 158 -9.35 -14.48 25.40
CA HIS A 158 -9.57 -14.79 24.00
C HIS A 158 -10.92 -14.33 23.50
N GLU A 159 -11.94 -14.52 24.34
CA GLU A 159 -13.29 -14.08 23.99
C GLU A 159 -13.29 -12.61 23.60
N ILE A 160 -12.59 -11.79 24.38
CA ILE A 160 -12.57 -10.34 24.13
C ILE A 160 -11.61 -9.89 23.00
N PHE A 161 -10.40 -10.45 22.96
CA PHE A 161 -9.33 -9.94 22.12
C PHE A 161 -8.88 -10.82 20.97
N GLN A 162 -9.23 -12.10 21.01
CA GLN A 162 -8.66 -13.00 20.01
C GLN A 162 -9.31 -12.83 18.67
N GLY A 163 -8.47 -12.75 17.64
CA GLY A 163 -8.90 -12.80 16.27
C GLY A 163 -8.08 -13.89 15.59
N THR A 164 -8.40 -14.14 14.32
CA THR A 164 -7.75 -15.19 13.56
C THR A 164 -7.37 -14.69 12.17
N LEU A 165 -6.12 -14.91 11.76
CA LEU A 165 -5.80 -14.62 10.37
C LEU A 165 -5.27 -15.85 9.66
N THR A 166 -5.53 -15.93 8.37
CA THR A 166 -4.98 -16.99 7.54
C THR A 166 -3.83 -16.41 6.70
N ASN A 167 -2.66 -17.04 6.73
CA ASN A 167 -1.69 -16.64 5.72
C ASN A 167 -1.50 -17.70 4.66
N GLU A 168 -2.19 -17.47 3.55
CA GLU A 168 -2.02 -18.14 2.28
C GLU A 168 -0.63 -17.97 1.68
N THR A 169 -0.33 -18.87 0.75
CA THR A 169 0.86 -18.79 -0.07
C THR A 169 0.54 -19.51 -1.37
N ARG A 170 0.78 -18.86 -2.51
CA ARG A 170 0.56 -19.54 -3.77
C ARG A 170 1.90 -19.83 -4.42
N CYS A 171 2.15 -21.08 -4.78
CA CYS A 171 3.28 -21.38 -5.67
C CYS A 171 2.95 -20.73 -7.00
N LEU A 172 3.82 -19.88 -7.51
CA LEU A 172 3.51 -19.23 -8.77
C LEU A 172 3.60 -20.24 -9.92
N THR A 173 4.49 -21.24 -9.78
CA THR A 173 4.61 -22.30 -10.78
C THR A 173 3.29 -23.06 -11.02
N CYS A 174 2.77 -23.73 -9.99
CA CYS A 174 1.59 -24.57 -10.18
C CYS A 174 0.28 -23.94 -9.66
N GLU A 175 0.37 -22.74 -9.10
CA GLU A 175 -0.78 -22.02 -8.54
C GLU A 175 -1.37 -22.68 -7.28
N THR A 176 -0.57 -23.43 -6.55
CA THR A 176 -1.10 -24.15 -5.39
C THR A 176 -1.15 -23.23 -4.19
N ILE A 177 -2.32 -23.12 -3.59
CA ILE A 177 -2.47 -22.30 -2.40
C ILE A 177 -2.33 -23.15 -1.14
N SER A 178 -1.46 -22.72 -0.23
CA SER A 178 -1.40 -23.32 1.10
C SER A 178 -1.82 -22.32 2.18
N SER A 179 -2.92 -22.64 2.85
CA SER A 179 -3.42 -21.85 3.97
C SER A 179 -2.94 -22.38 5.29
N LYS A 180 -2.81 -21.51 6.28
CA LYS A 180 -2.79 -21.95 7.65
C LYS A 180 -3.15 -20.76 8.55
N ASP A 181 -4.06 -21.00 9.49
CA ASP A 181 -4.56 -19.97 10.38
C ASP A 181 -3.58 -19.67 11.51
N GLU A 182 -3.71 -18.50 12.11
CA GLU A 182 -3.02 -18.17 13.34
C GLU A 182 -3.87 -17.20 14.14
N ASP A 183 -3.86 -17.36 15.45
CA ASP A 183 -4.71 -16.52 16.24
C ASP A 183 -3.92 -15.34 16.74
N PHE A 184 -4.60 -14.24 17.03
CA PHE A 184 -3.89 -13.09 17.56
C PHE A 184 -4.67 -12.44 18.67
N LEU A 185 -3.95 -11.73 19.53
CA LEU A 185 -4.58 -10.94 20.58
C LEU A 185 -4.42 -9.45 20.27
N ASP A 186 -3.44 -9.12 19.43
CA ASP A 186 -3.34 -7.76 18.88
C ASP A 186 -2.88 -7.85 17.43
N LEU A 187 -3.08 -6.79 16.67
CA LEU A 187 -2.67 -6.79 15.28
C LEU A 187 -1.73 -5.60 15.04
N SER A 188 -0.59 -5.86 14.40
CA SER A 188 0.38 -4.81 14.13
C SER A 188 0.43 -4.49 12.66
N VAL A 189 0.31 -3.20 12.35
CA VAL A 189 0.33 -2.76 10.97
C VAL A 189 1.41 -1.73 10.76
N ASP A 190 1.95 -1.72 9.55
CA ASP A 190 2.98 -0.78 9.17
C ASP A 190 2.37 0.51 8.73
N VAL A 191 3.08 1.60 9.03
CA VAL A 191 2.58 2.92 8.70
C VAL A 191 3.37 3.54 7.54
N GLU A 192 2.72 4.41 6.78
CA GLU A 192 3.49 5.25 5.89
C GLU A 192 2.90 6.65 5.90
N GLN A 193 3.64 7.59 5.32
CA GLN A 193 3.28 8.99 5.45
C GLN A 193 1.96 9.32 4.78
N ASN A 194 1.17 10.15 5.47
CA ASN A 194 -0.13 10.57 5.01
C ASN A 194 -0.99 9.41 4.58
N THR A 195 -1.45 8.64 5.56
CA THR A 195 -2.41 7.59 5.28
C THR A 195 -3.39 7.45 6.41
N SER A 196 -4.18 6.39 6.32
CA SER A 196 -5.29 6.15 7.22
C SER A 196 -5.15 4.73 7.73
N ILE A 197 -5.81 4.44 8.84
CA ILE A 197 -5.91 3.08 9.36
C ILE A 197 -6.41 2.13 8.27
N THR A 198 -7.41 2.59 7.53
CA THR A 198 -7.98 1.86 6.42
C THR A 198 -6.92 1.48 5.41
N HIS A 199 -6.10 2.45 5.03
CA HIS A 199 -5.03 2.15 4.11
C HIS A 199 -4.08 1.13 4.72
N CYS A 200 -3.85 1.21 6.02
CA CYS A 200 -2.89 0.31 6.66
C CYS A 200 -3.39 -1.13 6.75
N LEU A 201 -4.67 -1.32 7.02
CA LEU A 201 -5.27 -2.65 7.07
C LEU A 201 -5.26 -3.31 5.69
N ARG A 202 -5.51 -2.51 4.65
CA ARG A 202 -5.48 -3.01 3.28
C ARG A 202 -4.06 -3.45 2.93
N GLY A 203 -3.08 -2.70 3.38
CA GLY A 203 -1.69 -3.02 3.12
C GLY A 203 -1.36 -4.34 3.75
N PHE A 204 -2.02 -4.61 4.87
CA PHE A 204 -1.85 -5.86 5.60
C PHE A 204 -2.15 -7.08 4.74
N SER A 205 -3.19 -7.03 3.92
CA SER A 205 -3.55 -8.19 3.09
C SER A 205 -2.77 -8.19 1.77
N ASN A 206 -1.66 -7.47 1.69
CA ASN A 206 -0.99 -7.31 0.40
C ASN A 206 0.14 -8.28 0.11
N THR A 207 0.14 -8.75 -1.12
CA THR A 207 1.00 -9.82 -1.59
C THR A 207 2.52 -9.55 -1.44
N GLU A 208 3.25 -10.62 -1.10
CA GLU A 208 4.69 -10.61 -0.92
C GLU A 208 5.26 -11.75 -1.79
N THR A 209 6.58 -11.83 -1.95
CA THR A 209 7.15 -12.91 -2.76
C THR A 209 8.18 -13.75 -2.02
N LYS A 215 11.68 -18.96 -2.92
CA LYS A 215 12.04 -19.12 -1.51
C LYS A 215 11.11 -20.09 -0.79
N TYR A 216 10.30 -20.81 -1.56
CA TYR A 216 9.25 -21.69 -1.01
C TYR A 216 9.46 -23.16 -1.42
N TYR A 217 8.90 -24.10 -0.66
CA TYR A 217 8.80 -25.49 -1.11
C TYR A 217 7.34 -25.95 -1.04
N CYS A 218 6.70 -26.19 -2.18
CA CYS A 218 5.35 -26.73 -2.12
C CYS A 218 5.36 -28.23 -2.36
N GLU A 219 4.49 -28.93 -1.65
CA GLU A 219 4.42 -30.38 -1.72
C GLU A 219 4.00 -30.84 -3.12
N GLU A 220 3.52 -29.91 -3.92
CA GLU A 220 3.03 -30.22 -5.25
C GLU A 220 4.14 -30.19 -6.27
N CYS A 221 4.83 -29.06 -6.38
CA CYS A 221 5.99 -28.93 -7.25
C CYS A 221 7.16 -29.78 -6.75
N ARG A 222 7.19 -30.04 -5.45
CA ARG A 222 8.23 -30.85 -4.79
C ARG A 222 9.66 -30.32 -4.99
N SER A 223 9.77 -29.18 -5.65
CA SER A 223 11.02 -28.45 -5.70
C SER A 223 10.90 -27.29 -4.72
N LYS A 224 11.96 -26.51 -4.57
CA LYS A 224 11.78 -25.20 -4.00
C LYS A 224 11.28 -24.30 -5.14
N GLN A 225 10.35 -23.40 -4.86
CA GLN A 225 9.75 -22.55 -5.90
C GLN A 225 9.58 -21.09 -5.45
N GLU A 226 9.10 -20.25 -6.37
CA GLU A 226 8.82 -18.85 -6.03
C GLU A 226 7.31 -18.66 -5.82
N ALA A 227 6.96 -17.80 -4.88
CA ALA A 227 5.58 -17.76 -4.40
C ALA A 227 5.02 -16.36 -4.12
N HIS A 228 3.70 -16.33 -3.90
CA HIS A 228 2.98 -15.13 -3.45
C HIS A 228 2.31 -15.39 -2.09
N LYS A 229 2.79 -14.73 -1.03
CA LYS A 229 2.17 -14.83 0.31
C LYS A 229 1.22 -13.65 0.61
N ARG A 230 0.10 -13.98 1.23
CA ARG A 230 -0.93 -13.01 1.54
C ARG A 230 -1.36 -13.24 3.00
N MET A 231 -1.92 -12.22 3.64
CA MET A 231 -2.50 -12.39 4.97
C MET A 231 -3.92 -11.85 5.00
N LYS A 232 -4.86 -12.69 5.42
CA LYS A 232 -6.26 -12.28 5.45
C LYS A 232 -6.85 -12.46 6.83
N VAL A 233 -7.73 -11.54 7.20
CA VAL A 233 -8.36 -11.57 8.50
C VAL A 233 -9.58 -12.46 8.42
N LYS A 234 -9.50 -13.62 9.07
CA LYS A 234 -10.56 -14.61 9.04
C LYS A 234 -11.64 -14.35 10.09
N LYS A 235 -11.22 -13.96 11.30
CA LYS A 235 -12.15 -13.65 12.38
C LYS A 235 -11.75 -12.37 13.07
N LEU A 236 -12.67 -11.41 13.11
CA LEU A 236 -12.48 -10.14 13.80
C LEU A 236 -12.80 -10.28 15.31
N PRO A 237 -11.93 -9.76 16.18
CA PRO A 237 -12.14 -9.84 17.64
C PRO A 237 -13.22 -8.89 18.12
N MET A 238 -13.72 -9.08 19.34
CA MET A 238 -14.74 -8.15 19.82
C MET A 238 -14.07 -6.81 20.21
N ILE A 239 -12.83 -6.88 20.69
CA ILE A 239 -12.00 -5.67 20.81
C ILE A 239 -10.75 -5.83 19.96
N LEU A 240 -10.62 -4.95 18.97
CA LEU A 240 -9.42 -4.88 18.13
C LEU A 240 -8.36 -3.95 18.74
N ALA A 241 -7.29 -4.54 19.24
CA ALA A 241 -6.12 -3.77 19.64
C ALA A 241 -5.21 -3.63 18.42
N LEU A 242 -5.04 -2.40 17.97
CA LEU A 242 -4.34 -2.13 16.73
C LEU A 242 -3.03 -1.38 17.01
N HIS A 243 -1.92 -2.09 16.84
CA HIS A 243 -0.58 -1.53 17.03
C HIS A 243 -0.03 -0.91 15.76
N LEU A 244 0.17 0.42 15.77
CA LEU A 244 0.84 1.10 14.67
C LEU A 244 2.34 0.99 14.81
N LYS A 245 3.03 0.44 13.81
CA LYS A 245 4.46 0.16 13.96
C LYS A 245 5.35 1.38 13.68
N ARG A 246 5.34 2.31 14.62
CA ARG A 246 6.03 3.59 14.48
C ARG A 246 7.51 3.53 14.88
N PHE A 247 7.95 2.44 15.49
CA PHE A 247 9.38 2.27 15.81
C PHE A 247 9.98 1.25 14.87
N LYS A 248 10.56 1.74 13.78
CA LYS A 248 11.16 0.86 12.79
C LYS A 248 12.66 1.03 12.85
N TYR A 249 13.39 -0.01 12.44
CA TYR A 249 14.83 0.14 12.32
C TYR A 249 15.12 0.86 11.00
N MET A 250 15.74 2.03 11.09
CA MET A 250 16.08 2.76 9.88
C MET A 250 17.49 2.37 9.42
N ASP A 251 17.58 1.78 8.24
CA ASP A 251 18.85 1.25 7.71
C ASP A 251 19.93 2.34 7.62
N GLN A 252 19.48 3.58 7.46
CA GLN A 252 20.38 4.73 7.43
C GLN A 252 21.14 5.02 8.72
N LEU A 253 20.40 5.42 9.74
CA LEU A 253 21.01 5.90 10.99
C LEU A 253 21.72 4.82 11.81
N HIS A 254 21.52 3.56 11.45
CA HIS A 254 22.01 2.43 12.25
C HIS A 254 21.45 2.54 13.67
N ARG A 255 20.13 2.74 13.75
CA ARG A 255 19.38 2.96 14.99
C ARG A 255 17.86 2.76 14.75
N TYR A 256 17.11 2.57 15.82
CA TYR A 256 15.65 2.69 15.76
C TYR A 256 15.12 4.14 15.78
N THR A 257 14.20 4.43 14.87
CA THR A 257 13.56 5.75 14.82
C THR A 257 12.10 5.66 15.21
N LYS A 258 11.52 6.77 15.64
CA LYS A 258 10.06 6.86 15.70
C LYS A 258 9.53 7.52 14.44
N LEU A 259 8.68 6.80 13.72
CA LEU A 259 8.01 7.36 12.56
C LEU A 259 6.79 8.18 13.00
N SER A 260 6.87 9.49 12.78
CA SER A 260 5.86 10.42 13.24
C SER A 260 4.82 10.70 12.19
N TYR A 261 4.72 9.82 11.18
CA TYR A 261 3.78 10.00 10.07
C TYR A 261 2.37 10.35 10.51
N ARG A 262 1.68 11.12 9.68
CA ARG A 262 0.27 11.37 9.90
C ARG A 262 -0.53 10.15 9.51
N VAL A 263 -1.09 9.47 10.51
CA VAL A 263 -1.93 8.32 10.24
C VAL A 263 -3.29 8.52 10.88
N VAL A 264 -4.29 8.80 10.08
CA VAL A 264 -5.58 9.12 10.61
C VAL A 264 -6.33 7.86 10.98
N PHE A 265 -7.10 7.95 12.06
CA PHE A 265 -7.99 6.88 12.46
C PHE A 265 -9.37 7.46 12.77
N PRO A 266 -10.43 6.74 12.37
CA PRO A 266 -11.83 7.16 12.59
C PRO A 266 -12.31 6.79 13.97
N LEU A 267 -13.32 7.49 14.45
CA LEU A 267 -13.96 7.11 15.69
C LEU A 267 -14.76 5.82 15.50
N GLU A 268 -15.29 5.63 14.30
CA GLU A 268 -15.96 4.38 14.02
C GLU A 268 -15.40 3.75 12.77
N LEU A 269 -15.44 2.44 12.74
CA LEU A 269 -14.70 1.70 11.75
C LEU A 269 -15.39 0.38 11.45
N ARG A 270 -15.80 0.20 10.20
CA ARG A 270 -16.42 -1.04 9.74
C ARG A 270 -15.36 -1.92 9.10
N LEU A 271 -15.17 -3.13 9.63
CA LEU A 271 -14.16 -4.00 9.07
C LEU A 271 -14.81 -5.26 8.53
N PHE A 272 -14.07 -5.98 7.69
CA PHE A 272 -14.57 -7.20 7.05
C PHE A 272 -13.64 -8.38 7.29
N ASN A 273 -14.24 -9.56 7.46
CA ASN A 273 -13.46 -10.78 7.57
C ASN A 273 -13.50 -11.58 6.26
N THR A 274 -12.62 -12.54 6.11
CA THR A 274 -12.62 -13.37 4.91
C THR A 274 -13.22 -14.73 5.22
N SER A 275 -14.23 -14.78 6.07
CA SER A 275 -14.82 -16.04 6.51
C SER A 275 -15.70 -16.69 5.43
N GLY A 276 -16.28 -15.88 4.56
CA GLY A 276 -17.18 -16.40 3.54
C GLY A 276 -18.57 -16.70 4.07
N ASP A 277 -18.67 -16.87 5.39
CA ASP A 277 -19.95 -16.93 6.10
C ASP A 277 -20.74 -15.70 5.72
N ALA A 278 -21.76 -15.88 4.89
CA ALA A 278 -22.62 -14.78 4.46
C ALA A 278 -23.48 -14.13 5.57
N THR A 279 -23.60 -14.76 6.73
CA THR A 279 -24.39 -14.18 7.81
C THR A 279 -23.55 -13.33 8.74
N ASN A 280 -22.23 -13.46 8.66
CA ASN A 280 -21.33 -12.68 9.49
C ASN A 280 -20.08 -12.20 8.73
N PRO A 281 -20.28 -11.28 7.79
CA PRO A 281 -19.20 -10.84 6.89
C PRO A 281 -18.42 -9.69 7.49
N ASP A 282 -18.85 -9.28 8.68
CA ASP A 282 -18.84 -7.91 9.12
C ASP A 282 -18.45 -7.80 10.58
N ARG A 283 -17.99 -6.62 10.98
CA ARG A 283 -18.04 -6.23 12.37
C ARG A 283 -17.89 -4.70 12.44
N MET A 284 -18.79 -4.03 13.16
CA MET A 284 -18.72 -2.58 13.34
C MET A 284 -18.05 -2.22 14.64
N TYR A 285 -17.13 -1.26 14.58
CA TYR A 285 -16.34 -0.87 15.74
C TYR A 285 -16.49 0.59 16.17
N ASP A 286 -16.34 0.83 17.46
CA ASP A 286 -16.11 2.19 17.94
C ASP A 286 -14.81 2.25 18.69
N LEU A 287 -14.06 3.33 18.45
CA LEU A 287 -12.84 3.62 19.16
C LEU A 287 -13.13 3.87 20.64
N VAL A 288 -12.46 3.16 21.53
CA VAL A 288 -12.68 3.37 22.96
C VAL A 288 -11.43 3.90 23.70
N ALA A 289 -10.25 3.61 23.15
CA ALA A 289 -8.98 4.00 23.79
C ALA A 289 -7.86 4.12 22.79
N VAL A 290 -7.00 5.10 23.03
CA VAL A 290 -5.79 5.28 22.26
C VAL A 290 -4.61 5.38 23.21
N VAL A 291 -3.57 4.57 22.98
CA VAL A 291 -2.31 4.78 23.65
C VAL A 291 -1.51 5.69 22.73
N VAL A 292 -1.05 6.83 23.23
CA VAL A 292 -0.30 7.66 22.33
C VAL A 292 1.10 7.80 22.87
N HIS A 293 2.06 7.94 21.96
CA HIS A 293 3.44 8.09 22.36
C HIS A 293 3.92 9.48 22.04
N CYS A 294 4.54 10.10 23.03
CA CYS A 294 5.01 11.47 22.94
C CYS A 294 6.53 11.52 22.94
N GLY A 295 7.09 12.10 21.90
CA GLY A 295 8.53 12.18 21.82
C GLY A 295 9.03 12.04 20.41
N SER A 296 10.29 11.65 20.29
CA SER A 296 10.95 11.59 18.98
C SER A 296 11.82 10.35 18.81
N GLY A 297 11.65 9.37 19.70
CA GLY A 297 12.41 8.13 19.60
C GLY A 297 11.97 7.20 20.71
N PRO A 298 12.18 5.90 20.52
CA PRO A 298 11.73 4.81 21.41
C PRO A 298 12.47 4.72 22.75
N ASN A 299 13.31 5.68 23.05
CA ASN A 299 14.00 5.64 24.33
C ASN A 299 13.77 6.94 25.09
N ARG A 300 13.80 8.05 24.36
CA ARG A 300 13.35 9.31 24.94
C ARG A 300 11.88 9.52 24.58
N GLY A 301 10.99 9.31 25.55
CA GLY A 301 9.57 9.47 25.28
C GLY A 301 8.64 9.20 26.44
N HIS A 302 7.38 9.53 26.23
CA HIS A 302 6.39 9.48 27.29
C HIS A 302 5.09 8.93 26.69
N TYR A 303 4.37 8.10 27.44
CA TYR A 303 3.09 7.55 26.99
C TYR A 303 1.91 8.14 27.75
N ILE A 304 0.79 8.32 27.05
CA ILE A 304 -0.45 8.73 27.68
C ILE A 304 -1.61 7.93 27.09
N ALA A 305 -2.77 8.01 27.71
CA ALA A 305 -3.90 7.29 27.16
C ALA A 305 -5.08 8.23 26.98
N ILE A 306 -5.72 8.13 25.81
CA ILE A 306 -6.99 8.76 25.57
C ILE A 306 -8.10 7.72 25.65
N VAL A 307 -9.05 7.87 26.58
CA VAL A 307 -10.11 6.88 26.70
C VAL A 307 -11.51 7.46 26.57
N LYS A 308 -12.45 6.65 26.11
CA LYS A 308 -13.85 7.07 26.08
C LYS A 308 -14.61 6.58 27.32
N SER A 309 -15.22 7.47 27.93
CA SER A 309 -16.11 7.07 29.02
C SER A 309 -17.42 7.76 28.83
N HIS A 310 -18.66 6.99 28.64
CA HIS A 310 -19.98 7.44 28.22
C HIS A 310 -19.88 8.44 27.09
N ASP A 311 -20.42 9.66 27.48
CA ASP A 311 -20.50 10.57 26.33
C ASP A 311 -19.23 11.39 26.08
N PHE A 312 -18.21 11.24 26.90
CA PHE A 312 -17.02 12.11 26.80
C PHE A 312 -15.69 11.33 26.72
N TRP A 313 -14.61 12.07 26.48
CA TRP A 313 -13.26 11.52 26.43
C TRP A 313 -12.35 12.03 27.55
N LEU A 314 -11.48 11.17 28.02
CA LEU A 314 -10.52 11.56 29.04
C LEU A 314 -9.08 11.30 28.59
N LEU A 315 -8.19 12.23 28.92
CA LEU A 315 -6.75 12.00 28.80
C LEU A 315 -6.14 11.66 30.16
N PHE A 316 -5.53 10.47 30.28
CA PHE A 316 -4.72 10.08 31.44
C PHE A 316 -3.19 10.23 31.17
N ASP A 317 -2.57 11.23 31.77
CA ASP A 317 -1.15 11.45 31.68
C ASP A 317 -0.53 11.12 33.04
N ASP A 318 -0.27 9.83 33.26
CA ASP A 318 0.10 9.31 34.57
C ASP A 318 -0.90 9.91 35.56
N ASP A 319 -0.43 10.67 36.54
CA ASP A 319 -1.30 11.11 37.64
C ASP A 319 -2.33 12.18 37.19
N ILE A 320 -2.03 12.90 36.12
CA ILE A 320 -2.92 13.95 35.65
C ILE A 320 -4.06 13.34 34.86
N VAL A 321 -5.29 13.67 35.23
CA VAL A 321 -6.46 13.19 34.49
C VAL A 321 -7.27 14.41 34.14
N GLU A 322 -7.75 14.47 32.91
CA GLU A 322 -8.43 15.67 32.44
C GLU A 322 -9.33 15.40 31.24
N LYS A 323 -10.36 16.21 31.07
CA LYS A 323 -11.30 16.01 29.97
C LYS A 323 -10.73 16.54 28.66
N ILE A 324 -10.82 15.74 27.60
CA ILE A 324 -10.42 16.19 26.28
C ILE A 324 -11.67 16.20 25.40
N ASP A 325 -11.62 17.00 24.35
CA ASP A 325 -12.69 17.15 23.39
C ASP A 325 -12.42 16.17 22.25
N ALA A 326 -13.45 15.50 21.74
CA ALA A 326 -13.26 14.47 20.72
C ALA A 326 -12.65 15.02 19.42
N GLN A 327 -12.87 16.30 19.14
CA GLN A 327 -12.29 16.91 17.97
C GLN A 327 -10.76 16.97 18.14
N ALA A 328 -10.32 17.00 19.40
CA ALA A 328 -8.90 17.11 19.70
C ALA A 328 -8.15 15.78 19.60
N ILE A 329 -8.89 14.70 19.33
CA ILE A 329 -8.29 13.40 19.09
C ILE A 329 -7.33 13.54 17.91
N GLU A 330 -7.72 14.38 16.95
CA GLU A 330 -7.01 14.50 15.67
C GLU A 330 -5.63 15.08 15.84
N GLU A 331 -5.38 15.63 17.02
CA GLU A 331 -4.04 16.00 17.41
C GLU A 331 -3.10 14.82 17.42
N PHE A 332 -3.64 13.62 17.51
CA PHE A 332 -2.78 12.46 17.71
C PHE A 332 -2.61 11.63 16.46
N TYR A 333 -3.00 12.20 15.32
CA TYR A 333 -2.73 11.58 14.03
C TYR A 333 -1.27 11.62 13.63
N GLY A 334 -0.53 12.59 14.15
CA GLY A 334 0.87 12.75 13.78
C GLY A 334 1.04 13.81 12.71
N LEU A 335 2.29 14.15 12.41
CA LEU A 335 2.66 15.26 11.52
C LEU A 335 2.79 14.91 10.04
N THR A 336 2.47 15.87 9.18
CA THR A 336 2.83 15.79 7.77
C THR A 336 4.28 16.31 7.61
N SER A 337 4.71 17.16 8.54
CA SER A 337 6.09 17.66 8.58
C SER A 337 7.11 16.53 8.64
N LYS A 341 10.98 17.94 15.57
CA LYS A 341 10.97 16.48 15.43
C LYS A 341 9.97 15.79 16.37
N ASN A 342 10.12 15.99 17.69
CA ASN A 342 9.22 15.43 18.70
C ASN A 342 7.74 15.60 18.35
N SER A 343 6.94 14.54 18.50
CA SER A 343 5.52 14.57 18.21
C SER A 343 4.67 13.74 19.20
N GLU A 344 3.35 13.90 19.12
CA GLU A 344 2.38 13.13 19.90
C GLU A 344 1.51 12.26 19.01
N SER A 345 1.87 10.98 18.84
CA SER A 345 1.20 10.07 17.89
C SER A 345 0.47 8.86 18.51
N GLY A 346 -0.71 8.57 17.98
CA GLY A 346 -1.39 7.33 18.29
C GLY A 346 -0.52 6.12 17.95
N TYR A 347 -0.50 5.16 18.87
CA TYR A 347 0.42 4.06 18.78
C TYR A 347 -0.34 2.70 18.90
N ILE A 348 -1.22 2.59 19.89
CA ILE A 348 -2.15 1.46 19.93
C ILE A 348 -3.59 1.96 19.97
N LEU A 349 -4.38 1.50 19.00
CA LEU A 349 -5.79 1.84 19.00
C LEU A 349 -6.59 0.69 19.49
N PHE A 350 -7.60 1.00 20.30
CA PHE A 350 -8.51 -0.02 20.83
C PHE A 350 -9.90 0.23 20.30
N TYR A 351 -10.36 -0.67 19.44
CA TYR A 351 -11.67 -0.56 18.84
C TYR A 351 -12.63 -1.61 19.39
N GLN A 352 -13.72 -1.15 19.96
CA GLN A 352 -14.68 -2.11 20.47
C GLN A 352 -15.85 -2.34 19.50
N SER A 353 -16.23 -3.59 19.33
CA SER A 353 -17.37 -3.89 18.48
C SER A 353 -18.66 -3.39 19.12
N ARG A 354 -19.68 -3.19 18.30
CA ARG A 354 -21.03 -2.91 18.79
C ARG A 354 -21.82 -4.20 18.96
N ASP A 355 -21.27 -5.29 18.43
CA ASP A 355 -21.88 -6.63 18.46
C ASP A 355 -22.66 -6.95 19.74
N ASN B 4 36.46 8.14 -35.58
CA ASN B 4 35.92 7.50 -36.78
C ASN B 4 34.71 6.63 -36.47
N ALA B 5 34.55 6.26 -35.19
CA ALA B 5 33.47 5.40 -34.72
C ALA B 5 33.12 5.72 -33.28
N SER B 6 31.84 5.99 -33.01
CA SER B 6 31.40 6.57 -31.74
C SER B 6 31.61 5.66 -30.53
N ALA B 7 31.52 6.25 -29.35
CA ALA B 7 31.72 5.51 -28.10
C ALA B 7 30.74 4.37 -27.96
N LEU B 8 29.54 4.52 -28.52
CA LEU B 8 28.49 3.52 -28.38
C LEU B 8 28.79 2.29 -29.24
N GLU B 9 29.18 2.50 -30.48
CA GLU B 9 29.54 1.38 -31.36
C GLU B 9 30.70 0.63 -30.75
N LYS B 10 31.61 1.38 -30.11
CA LYS B 10 32.77 0.80 -29.47
C LYS B 10 32.42 -0.11 -28.30
N GLU B 11 31.62 0.41 -27.37
CA GLU B 11 31.20 -0.36 -26.20
C GLU B 11 30.26 -1.51 -26.59
N ILE B 12 29.65 -1.41 -27.77
CA ILE B 12 28.78 -2.48 -28.26
C ILE B 12 29.66 -3.45 -29.03
N GLY B 13 30.55 -2.89 -29.84
CA GLY B 13 31.52 -3.69 -30.56
C GLY B 13 31.02 -4.36 -31.83
N PRO B 14 31.93 -4.58 -32.79
CA PRO B 14 31.70 -5.26 -34.07
C PRO B 14 30.94 -6.59 -33.93
N GLU B 15 31.22 -7.29 -32.84
CA GLU B 15 30.60 -8.58 -32.57
C GLU B 15 29.08 -8.50 -32.68
N GLN B 16 28.46 -7.66 -31.85
CA GLN B 16 27.00 -7.68 -31.75
C GLN B 16 26.23 -6.44 -32.26
N PHE B 17 26.92 -5.45 -32.82
CA PHE B 17 26.19 -4.26 -33.32
C PHE B 17 25.37 -4.61 -34.55
N PRO B 18 24.02 -4.59 -34.42
CA PRO B 18 23.13 -5.08 -35.47
C PRO B 18 23.23 -4.28 -36.77
N VAL B 19 23.14 -4.97 -37.90
CA VAL B 19 23.33 -4.36 -39.21
C VAL B 19 22.10 -3.56 -39.64
N ASN B 20 22.34 -2.41 -40.28
CA ASN B 20 21.30 -1.46 -40.69
C ASN B 20 20.54 -0.82 -39.52
N GLU B 21 20.96 -1.14 -38.29
CA GLU B 21 20.32 -0.62 -37.10
C GLU B 21 20.94 0.73 -36.75
N HIS B 22 20.10 1.68 -36.35
CA HIS B 22 20.56 3.05 -36.11
C HIS B 22 20.12 3.55 -34.74
N TYR B 23 21.05 4.15 -34.00
CA TYR B 23 20.79 4.51 -32.63
C TYR B 23 20.95 6.00 -32.44
N PHE B 24 19.82 6.70 -32.37
CA PHE B 24 19.81 8.14 -32.39
C PHE B 24 19.01 8.75 -31.25
N GLY B 25 19.68 9.59 -30.47
CA GLY B 25 19.03 10.28 -29.39
C GLY B 25 18.26 11.45 -29.96
N LEU B 26 17.27 11.89 -29.21
CA LEU B 26 16.48 13.06 -29.56
C LEU B 26 16.83 14.24 -28.67
N VAL B 27 17.05 15.41 -29.26
CA VAL B 27 17.37 16.55 -28.40
C VAL B 27 16.15 16.99 -27.58
N ASN B 28 16.44 17.42 -26.36
CA ASN B 28 15.52 18.07 -25.43
C ASN B 28 15.44 19.57 -25.77
N PHE B 29 14.24 20.12 -25.88
CA PHE B 29 14.10 21.54 -26.13
C PHE B 29 13.62 22.24 -24.88
N GLY B 30 14.06 21.76 -23.72
CA GLY B 30 13.53 22.23 -22.47
C GLY B 30 12.25 21.49 -22.12
N ASN B 31 12.36 20.54 -21.21
CA ASN B 31 11.21 19.78 -20.74
C ASN B 31 10.46 19.09 -21.86
N THR B 32 11.18 18.44 -22.76
CA THR B 32 10.51 17.65 -23.78
C THR B 32 10.95 16.17 -23.66
N CYS B 33 11.67 15.85 -22.60
CA CYS B 33 12.07 14.47 -22.37
C CYS B 33 10.86 13.55 -22.15
N TYR B 34 9.74 14.10 -21.69
CA TYR B 34 8.54 13.32 -21.53
C TYR B 34 8.06 12.81 -22.88
N CYS B 35 8.41 13.55 -23.92
CA CYS B 35 8.07 13.17 -25.27
C CYS B 35 9.13 12.23 -25.83
N ASN B 36 10.39 12.65 -25.71
CA ASN B 36 11.52 11.89 -26.20
C ASN B 36 11.54 10.46 -25.72
N SER B 37 11.36 10.31 -24.42
CA SER B 37 11.51 9.01 -23.84
C SER B 37 10.42 8.04 -24.32
N VAL B 38 9.20 8.54 -24.50
CA VAL B 38 8.11 7.73 -24.99
C VAL B 38 8.31 7.41 -26.48
N LEU B 39 8.84 8.36 -27.23
CA LEU B 39 9.15 8.10 -28.64
C LEU B 39 10.14 6.94 -28.75
N GLN B 40 11.16 6.97 -27.90
CA GLN B 40 12.16 5.94 -27.90
C GLN B 40 11.54 4.59 -27.52
N ALA B 41 10.71 4.59 -26.49
CA ALA B 41 10.07 3.34 -26.07
C ALA B 41 9.27 2.79 -27.25
N LEU B 42 8.53 3.67 -27.90
CA LEU B 42 7.68 3.30 -29.02
C LEU B 42 8.50 2.88 -30.23
N TYR B 43 9.64 3.52 -30.46
CA TYR B 43 10.48 3.15 -31.60
C TYR B 43 11.03 1.72 -31.43
N PHE B 44 11.19 1.28 -30.19
CA PHE B 44 11.69 -0.04 -29.94
C PHE B 44 10.56 -1.01 -29.64
N CYS B 45 9.35 -0.61 -29.99
CA CYS B 45 8.25 -1.54 -30.12
C CYS B 45 8.15 -1.91 -31.60
N ARG B 46 8.88 -2.97 -31.94
CA ARG B 46 9.12 -3.29 -33.34
C ARG B 46 7.87 -3.40 -34.23
N PRO B 47 6.80 -4.07 -33.73
CA PRO B 47 5.58 -4.10 -34.54
C PRO B 47 5.05 -2.71 -34.81
N PHE B 48 5.17 -1.82 -33.82
CA PHE B 48 4.74 -0.44 -33.95
C PHE B 48 5.68 0.28 -34.89
N ARG B 49 6.98 0.07 -34.73
CA ARG B 49 7.93 0.71 -35.64
C ARG B 49 7.65 0.37 -37.11
N GLU B 50 7.48 -0.92 -37.40
CA GLU B 50 7.20 -1.38 -38.76
C GLU B 50 5.91 -0.78 -39.35
N LYS B 51 4.87 -0.63 -38.54
CA LYS B 51 3.63 -0.09 -39.05
C LYS B 51 3.79 1.40 -39.35
N VAL B 52 4.53 2.10 -38.50
CA VAL B 52 4.74 3.53 -38.70
C VAL B 52 5.65 3.75 -39.93
N LEU B 53 6.67 2.91 -40.08
CA LEU B 53 7.54 2.96 -41.26
C LEU B 53 6.75 2.67 -42.53
N ALA B 54 5.82 1.73 -42.42
CA ALA B 54 4.98 1.38 -43.55
C ALA B 54 4.11 2.57 -43.91
N TYR B 55 3.56 3.25 -42.91
CA TYR B 55 2.72 4.42 -43.15
C TYR B 55 3.42 5.50 -43.98
N LYS B 56 4.72 5.70 -43.77
CA LYS B 56 5.42 6.75 -44.52
C LYS B 56 5.53 6.42 -46.00
N SER B 57 5.66 5.14 -46.29
CA SER B 57 5.79 4.63 -47.65
C SER B 57 4.57 5.03 -48.46
N GLN B 58 3.40 4.94 -47.85
CA GLN B 58 2.18 5.26 -48.56
C GLN B 58 2.09 6.75 -48.87
N PRO B 59 1.73 7.07 -50.10
CA PRO B 59 1.73 8.45 -50.60
C PRO B 59 0.71 9.57 -50.55
N ARG B 60 -0.57 9.27 -50.57
CA ARG B 60 -1.59 10.25 -50.20
C ARG B 60 -1.75 10.37 -48.70
N LYS B 61 -1.00 11.25 -48.07
CA LYS B 61 -1.13 11.44 -46.64
C LYS B 61 -1.06 12.90 -46.40
N LYS B 62 -1.99 13.40 -45.61
CA LYS B 62 -2.06 14.83 -45.33
C LYS B 62 -1.65 15.10 -43.88
N GLU B 63 -0.82 16.13 -43.61
CA GLU B 63 -0.11 16.37 -42.35
C GLU B 63 -0.94 16.14 -41.08
N SER B 64 -0.46 15.10 -40.40
CA SER B 64 -1.01 14.79 -39.09
C SER B 64 0.13 14.61 -38.08
N LEU B 65 -0.22 14.40 -36.82
CA LEU B 65 0.77 13.99 -35.83
C LEU B 65 1.32 12.60 -36.17
N LEU B 66 0.54 11.79 -36.89
CA LEU B 66 1.03 10.51 -37.39
C LEU B 66 2.00 10.69 -38.57
N THR B 67 1.79 11.72 -39.37
CA THR B 67 2.69 11.90 -40.48
C THR B 67 4.02 12.42 -39.95
N CYS B 68 3.97 13.22 -38.90
CA CYS B 68 5.19 13.76 -38.29
C CYS B 68 5.98 12.66 -37.62
N LEU B 69 5.27 11.79 -36.92
CA LEU B 69 5.90 10.65 -36.28
C LEU B 69 6.50 9.73 -37.30
N ALA B 70 5.77 9.47 -38.38
CA ALA B 70 6.28 8.64 -39.48
C ALA B 70 7.55 9.23 -40.02
N ASP B 71 7.52 10.54 -40.27
CA ASP B 71 8.72 11.23 -40.71
C ASP B 71 9.86 11.05 -39.73
N LEU B 72 9.59 11.28 -38.45
CA LEU B 72 10.63 11.11 -37.45
C LEU B 72 11.25 9.71 -37.48
N PHE B 73 10.41 8.68 -37.40
CA PHE B 73 10.91 7.30 -37.39
C PHE B 73 11.66 6.97 -38.68
N HIS B 74 11.11 7.42 -39.79
CA HIS B 74 11.76 7.19 -41.06
C HIS B 74 13.13 7.83 -41.07
N SER B 75 13.22 9.06 -40.60
CA SER B 75 14.51 9.72 -40.46
C SER B 75 15.56 8.89 -39.70
N ILE B 76 15.15 8.32 -38.56
CA ILE B 76 16.07 7.53 -37.74
C ILE B 76 16.49 6.25 -38.43
N ALA B 77 15.50 5.53 -38.97
CA ALA B 77 15.74 4.25 -39.58
C ALA B 77 16.61 4.36 -40.82
N THR B 78 16.67 5.54 -41.41
CA THR B 78 17.42 5.72 -42.64
C THR B 78 18.63 6.64 -42.54
N GLN B 79 19.08 6.93 -41.32
CA GLN B 79 20.28 7.74 -41.19
C GLN B 79 21.47 7.02 -41.82
N LYS B 80 22.42 7.80 -42.33
CA LYS B 80 23.62 7.21 -42.90
C LYS B 80 24.46 6.58 -41.79
N LYS B 81 24.69 7.33 -40.71
CA LYS B 81 25.52 6.86 -39.61
C LYS B 81 24.77 5.90 -38.69
N LYS B 82 25.54 5.11 -37.94
CA LYS B 82 24.96 4.14 -37.03
C LYS B 82 24.45 4.80 -35.76
N VAL B 83 25.15 5.84 -35.32
CA VAL B 83 24.85 6.46 -34.05
C VAL B 83 24.86 7.98 -34.20
N GLY B 84 23.94 8.67 -33.53
CA GLY B 84 23.94 10.12 -33.53
C GLY B 84 22.81 10.75 -32.76
N VAL B 85 22.50 11.99 -33.14
CA VAL B 85 21.45 12.75 -32.48
C VAL B 85 20.55 13.37 -33.55
N ILE B 86 19.26 13.49 -33.24
CA ILE B 86 18.28 14.11 -34.11
C ILE B 86 17.42 15.10 -33.32
N PRO B 87 17.19 16.30 -33.87
CA PRO B 87 16.24 17.19 -33.20
C PRO B 87 14.81 16.90 -33.65
N PRO B 88 13.92 16.50 -32.75
CA PRO B 88 12.56 16.23 -33.23
C PRO B 88 11.70 17.49 -33.33
N LYS B 89 12.19 18.53 -34.02
CA LYS B 89 11.50 19.83 -34.02
C LYS B 89 10.20 19.84 -34.83
N LYS B 90 10.12 19.06 -35.90
CA LYS B 90 8.87 19.09 -36.64
C LYS B 90 7.80 18.41 -35.80
N PHE B 91 8.13 17.27 -35.21
CA PHE B 91 7.19 16.59 -34.33
C PHE B 91 6.75 17.43 -33.11
N ILE B 92 7.72 17.98 -32.38
CA ILE B 92 7.45 18.77 -31.19
C ILE B 92 6.60 19.99 -31.53
N THR B 93 6.88 20.62 -32.66
CA THR B 93 6.10 21.78 -33.06
C THR B 93 4.66 21.38 -33.34
N ARG B 94 4.48 20.34 -34.16
CA ARG B 94 3.14 19.85 -34.43
C ARG B 94 2.35 19.53 -33.17
N LEU B 95 2.94 18.76 -32.28
CA LEU B 95 2.29 18.34 -31.05
C LEU B 95 1.85 19.53 -30.21
N ARG B 96 2.68 20.56 -30.15
CA ARG B 96 2.35 21.75 -29.41
C ARG B 96 1.22 22.54 -30.10
N LYS B 97 1.23 22.62 -31.44
CA LYS B 97 0.09 23.21 -32.16
C LYS B 97 -1.19 22.46 -31.84
N GLU B 98 -1.06 21.14 -31.83
CA GLU B 98 -2.18 20.22 -31.78
C GLU B 98 -2.86 20.12 -30.42
N ASN B 99 -2.17 20.54 -29.37
CA ASN B 99 -2.65 20.31 -28.02
C ASN B 99 -2.10 21.38 -27.05
N GLU B 100 -2.89 22.43 -26.80
CA GLU B 100 -2.44 23.54 -25.97
C GLU B 100 -1.88 23.08 -24.64
N LEU B 101 -2.35 21.92 -24.14
CA LEU B 101 -1.85 21.29 -22.90
C LEU B 101 -0.34 21.09 -22.90
N PHE B 102 0.22 20.77 -24.05
CA PHE B 102 1.65 20.54 -24.21
C PHE B 102 2.37 21.80 -24.67
N ASP B 103 1.60 22.83 -24.99
CA ASP B 103 2.13 24.04 -25.63
C ASP B 103 2.65 25.04 -24.60
N ASN B 104 3.72 24.66 -23.91
CA ASN B 104 4.37 25.51 -22.94
C ASN B 104 5.73 24.92 -22.59
N TYR B 105 6.47 25.61 -21.73
CA TYR B 105 7.83 25.19 -21.39
C TYR B 105 7.89 24.20 -20.22
N MET B 106 6.73 23.86 -19.66
CA MET B 106 6.71 23.06 -18.44
C MET B 106 6.73 21.55 -18.69
N GLN B 107 7.32 20.82 -17.76
CA GLN B 107 7.35 19.38 -17.84
C GLN B 107 5.93 18.84 -17.88
N GLN B 108 5.72 17.77 -18.64
CA GLN B 108 4.42 17.13 -18.78
C GLN B 108 4.46 15.67 -18.34
N ASP B 109 3.28 15.06 -18.19
CA ASP B 109 3.17 13.65 -17.84
C ASP B 109 3.44 12.73 -19.04
N ALA B 110 4.55 11.99 -19.01
CA ALA B 110 4.88 11.13 -20.14
C ALA B 110 3.68 10.26 -20.47
N HIS B 111 2.94 9.87 -19.43
CA HIS B 111 1.78 9.03 -19.63
C HIS B 111 0.60 9.78 -20.27
N GLU B 112 0.44 11.06 -19.96
CA GLU B 112 -0.50 11.90 -20.68
C GLU B 112 -0.18 11.87 -22.16
N PHE B 113 1.09 12.09 -22.47
CA PHE B 113 1.55 12.15 -23.86
C PHE B 113 1.34 10.85 -24.60
N LEU B 114 1.70 9.73 -23.97
CA LEU B 114 1.57 8.42 -24.59
C LEU B 114 0.13 8.15 -24.97
N ASN B 115 -0.75 8.39 -24.00
CA ASN B 115 -2.17 8.15 -24.17
C ASN B 115 -2.74 9.05 -25.23
N TYR B 116 -2.26 10.29 -25.26
CA TYR B 116 -2.72 11.22 -26.25
C TYR B 116 -2.25 10.78 -27.61
N LEU B 117 -0.97 10.46 -27.70
CA LEU B 117 -0.39 10.09 -28.99
C LEU B 117 -1.11 8.92 -29.60
N LEU B 118 -1.35 7.88 -28.79
CA LEU B 118 -1.88 6.65 -29.33
C LEU B 118 -3.31 6.82 -29.73
N ASN B 119 -4.03 7.64 -29.00
CA ASN B 119 -5.44 7.81 -29.30
C ASN B 119 -5.62 8.65 -30.56
N THR B 120 -4.66 9.54 -30.79
CA THR B 120 -4.66 10.41 -31.94
C THR B 120 -4.29 9.64 -33.18
N ILE B 121 -3.38 8.68 -33.02
CA ILE B 121 -3.01 7.83 -34.15
C ILE B 121 -4.20 6.98 -34.56
N ALA B 122 -4.87 6.41 -33.57
CA ALA B 122 -6.05 5.59 -33.79
C ALA B 122 -7.12 6.37 -34.57
N ASP B 123 -7.42 7.58 -34.11
CA ASP B 123 -8.43 8.39 -34.77
C ASP B 123 -8.06 8.69 -36.21
N ILE B 124 -6.79 8.99 -36.47
CA ILE B 124 -6.36 9.30 -37.83
C ILE B 124 -6.57 8.08 -38.71
N LEU B 125 -6.23 6.91 -38.18
CA LEU B 125 -6.40 5.65 -38.88
C LEU B 125 -7.88 5.32 -39.12
N GLN B 126 -8.71 5.56 -38.11
CA GLN B 126 -10.14 5.34 -38.22
C GLN B 126 -10.72 6.17 -39.36
N GLU B 127 -10.40 7.47 -39.35
CA GLU B 127 -11.03 8.39 -40.28
C GLU B 127 -10.70 7.95 -41.70
N GLU B 128 -9.45 7.53 -41.89
CA GLU B 128 -8.99 7.08 -43.19
C GLU B 128 -9.73 5.85 -43.70
N ARG B 129 -10.07 4.93 -42.82
CA ARG B 129 -10.72 3.73 -43.29
C ARG B 129 -12.12 4.11 -43.77
N LYS B 130 -12.76 5.01 -43.03
CA LYS B 130 -14.05 5.53 -43.43
C LYS B 130 -13.91 6.20 -44.81
N GLN B 131 -12.98 7.14 -44.93
CA GLN B 131 -12.81 7.84 -46.19
C GLN B 131 -12.44 6.86 -47.31
N GLU B 132 -11.88 5.71 -46.95
CA GLU B 132 -11.55 4.66 -47.92
C GLU B 132 -12.83 4.03 -48.49
N LYS B 133 -13.71 3.57 -47.60
CA LYS B 133 -14.97 2.93 -47.96
C LYS B 133 -15.93 3.81 -48.79
N GLN B 134 -15.96 5.12 -48.52
CA GLN B 134 -16.71 6.06 -49.35
C GLN B 134 -16.02 6.31 -50.69
N PRO B 154 -9.87 -3.38 -35.21
CA PRO B 154 -9.94 -2.61 -36.45
C PRO B 154 -8.62 -1.96 -36.87
N THR B 155 -8.16 -0.86 -36.26
CA THR B 155 -6.92 -0.22 -36.75
C THR B 155 -5.68 -0.91 -36.23
N TRP B 156 -4.56 -0.69 -36.90
CA TRP B 156 -3.36 -1.43 -36.57
C TRP B 156 -2.73 -0.98 -35.25
N VAL B 157 -3.08 0.20 -34.77
CA VAL B 157 -2.78 0.62 -33.41
C VAL B 157 -3.47 -0.25 -32.37
N HIS B 158 -4.76 -0.46 -32.60
CA HIS B 158 -5.55 -1.38 -31.78
C HIS B 158 -4.98 -2.79 -31.77
N GLU B 159 -4.56 -3.25 -32.94
CA GLU B 159 -3.96 -4.57 -33.06
C GLU B 159 -2.71 -4.75 -32.21
N ILE B 160 -2.01 -3.65 -31.96
CA ILE B 160 -0.74 -3.74 -31.24
C ILE B 160 -0.97 -3.54 -29.77
N PHE B 161 -1.68 -2.47 -29.43
CA PHE B 161 -1.75 -2.05 -28.04
C PHE B 161 -3.06 -2.34 -27.32
N GLN B 162 -4.13 -2.60 -28.05
CA GLN B 162 -5.43 -2.67 -27.38
C GLN B 162 -5.71 -3.99 -26.71
N GLY B 163 -6.18 -3.89 -25.47
CA GLY B 163 -6.72 -5.01 -24.73
C GLY B 163 -8.03 -4.58 -24.11
N THR B 164 -8.66 -5.48 -23.38
CA THR B 164 -9.91 -5.14 -22.74
C THR B 164 -9.87 -5.64 -21.31
N LEU B 165 -10.34 -4.84 -20.36
CA LEU B 165 -10.45 -5.30 -18.98
C LEU B 165 -11.90 -5.38 -18.51
N THR B 166 -12.10 -6.01 -17.36
CA THR B 166 -13.40 -6.00 -16.70
C THR B 166 -13.28 -5.49 -15.28
N ASN B 167 -13.90 -4.35 -14.98
CA ASN B 167 -13.96 -3.83 -13.61
C ASN B 167 -15.18 -4.32 -12.86
N GLU B 168 -14.96 -5.22 -11.89
CA GLU B 168 -16.07 -5.72 -11.10
C GLU B 168 -16.21 -4.92 -9.80
N THR B 169 -17.45 -4.69 -9.39
CA THR B 169 -17.77 -4.03 -8.13
C THR B 169 -18.76 -4.86 -7.35
N ARG B 170 -18.46 -5.03 -6.08
CA ARG B 170 -19.35 -5.74 -5.19
C ARG B 170 -19.64 -4.87 -3.96
N CYS B 171 -20.86 -4.35 -3.91
CA CYS B 171 -21.27 -3.51 -2.78
C CYS B 171 -21.36 -4.36 -1.53
N LEU B 172 -20.52 -4.04 -0.56
CA LEU B 172 -20.38 -4.83 0.67
C LEU B 172 -21.55 -4.62 1.63
N THR B 173 -22.42 -3.66 1.30
CA THR B 173 -23.64 -3.43 2.04
C THR B 173 -24.83 -4.20 1.43
N CYS B 174 -25.05 -4.08 0.13
CA CYS B 174 -26.24 -4.67 -0.50
C CYS B 174 -25.95 -5.90 -1.34
N GLU B 175 -24.67 -6.19 -1.52
CA GLU B 175 -24.18 -7.39 -2.22
C GLU B 175 -24.44 -7.43 -3.75
N THR B 176 -24.96 -6.34 -4.31
CA THR B 176 -25.04 -6.16 -5.76
C THR B 176 -23.64 -6.20 -6.42
N ILE B 177 -23.54 -6.90 -7.55
CA ILE B 177 -22.32 -6.99 -8.33
C ILE B 177 -22.45 -6.24 -9.67
N SER B 178 -21.37 -5.62 -10.13
CA SER B 178 -21.40 -4.89 -11.39
C SER B 178 -20.17 -5.20 -12.21
N SER B 179 -20.33 -5.24 -13.53
CA SER B 179 -19.19 -5.41 -14.41
C SER B 179 -19.26 -4.35 -15.48
N LYS B 180 -18.11 -3.80 -15.83
CA LYS B 180 -18.02 -2.93 -16.98
C LYS B 180 -16.70 -3.21 -17.66
N ASP B 181 -16.78 -3.56 -18.93
CA ASP B 181 -15.59 -3.78 -19.73
C ASP B 181 -15.09 -2.44 -20.22
N GLU B 182 -13.80 -2.20 -20.03
CA GLU B 182 -13.19 -1.10 -20.72
C GLU B 182 -12.30 -1.70 -21.80
N ASP B 183 -12.10 -0.95 -22.86
CA ASP B 183 -10.98 -1.20 -23.74
C ASP B 183 -9.87 -0.29 -23.29
N PHE B 184 -8.62 -0.72 -23.46
CA PHE B 184 -7.49 0.12 -23.09
C PHE B 184 -6.39 0.01 -24.09
N LEU B 185 -5.70 1.12 -24.32
CA LEU B 185 -4.46 1.07 -25.06
C LEU B 185 -3.30 0.97 -24.06
N ASP B 186 -3.59 1.27 -22.79
CA ASP B 186 -2.58 1.16 -21.75
C ASP B 186 -3.26 0.80 -20.45
N LEU B 187 -2.49 0.32 -19.50
CA LEU B 187 -3.10 -0.22 -18.33
C LEU B 187 -2.48 0.46 -17.14
N SER B 188 -3.28 1.31 -16.50
CA SER B 188 -2.83 2.02 -15.32
C SER B 188 -2.98 1.10 -14.15
N VAL B 189 -1.94 0.98 -13.33
CA VAL B 189 -2.00 0.12 -12.17
C VAL B 189 -1.54 0.82 -10.87
N ASP B 190 -2.36 0.69 -9.84
CA ASP B 190 -2.07 1.30 -8.55
C ASP B 190 -0.85 0.66 -7.93
N VAL B 191 0.11 1.47 -7.51
CA VAL B 191 1.16 0.92 -6.69
C VAL B 191 0.70 1.23 -5.27
N GLU B 192 -0.14 0.35 -4.74
CA GLU B 192 -0.64 0.51 -3.38
C GLU B 192 0.51 0.47 -2.38
N GLN B 193 1.55 -0.22 -2.78
CA GLN B 193 2.51 -0.66 -1.83
C GLN B 193 3.74 -1.04 -2.53
N ASN B 194 4.66 -1.63 -1.80
CA ASN B 194 5.83 -2.22 -2.37
C ASN B 194 5.49 -3.57 -2.96
N THR B 195 4.95 -3.53 -4.16
CA THR B 195 4.31 -4.66 -4.78
C THR B 195 5.16 -5.16 -5.95
N SER B 196 4.47 -5.81 -6.88
CA SER B 196 5.14 -6.34 -8.04
C SER B 196 4.12 -6.46 -9.16
N ILE B 197 4.59 -6.24 -10.38
CA ILE B 197 3.81 -6.49 -11.59
C ILE B 197 3.00 -7.78 -11.56
N THR B 198 3.68 -8.86 -11.24
CA THR B 198 3.07 -10.18 -11.18
C THR B 198 1.92 -10.26 -10.16
N HIS B 199 2.04 -9.54 -9.04
CA HIS B 199 0.96 -9.45 -8.06
C HIS B 199 -0.27 -8.87 -8.70
N CYS B 200 -0.04 -7.77 -9.40
CA CYS B 200 -1.13 -6.96 -9.89
CA CYS B 200 -1.10 -6.93 -9.95
C CYS B 200 -1.87 -7.59 -11.08
N LEU B 201 -1.20 -8.45 -11.86
CA LEU B 201 -1.79 -9.02 -13.08
C LEU B 201 -2.06 -10.53 -13.08
N ARG B 202 -1.28 -11.28 -12.35
CA ARG B 202 -1.65 -12.66 -12.21
C ARG B 202 -1.44 -13.13 -10.80
N GLY B 203 -2.54 -13.09 -10.06
CA GLY B 203 -2.58 -13.51 -8.66
C GLY B 203 -3.97 -13.98 -8.26
N PHE B 204 -4.64 -13.27 -7.36
CA PHE B 204 -5.92 -13.71 -6.81
C PHE B 204 -6.61 -12.58 -6.08
N SER B 205 -7.82 -12.17 -6.50
CA SER B 205 -8.32 -10.90 -5.96
C SER B 205 -9.77 -10.63 -5.64
N ASN B 206 -10.62 -11.63 -5.48
CA ASN B 206 -12.03 -11.35 -5.23
C ASN B 206 -12.46 -11.28 -3.77
N THR B 207 -11.61 -11.64 -2.85
CA THR B 207 -12.09 -11.71 -1.48
C THR B 207 -12.04 -10.29 -0.87
N GLU B 208 -12.86 -9.99 0.13
CA GLU B 208 -12.93 -8.64 0.66
C GLU B 208 -11.68 -8.34 1.48
N THR B 209 -11.08 -7.16 1.32
CA THR B 209 -9.94 -6.83 2.18
C THR B 209 -10.53 -6.32 3.50
N LEU B 210 -9.71 -6.38 4.56
CA LEU B 210 -10.20 -6.21 5.92
C LEU B 210 -10.90 -4.88 6.05
N CYS B 211 -10.38 -3.95 5.29
CA CYS B 211 -11.02 -2.68 5.16
C CYS B 211 -11.17 -2.38 3.68
N SER B 212 -11.90 -3.21 2.96
CA SER B 212 -12.29 -2.89 1.61
C SER B 212 -13.27 -1.82 1.85
N GLU B 213 -12.77 -0.75 2.41
CA GLU B 213 -13.57 0.29 2.95
C GLU B 213 -14.15 0.99 1.83
N TYR B 214 -13.24 1.56 1.07
CA TYR B 214 -13.53 2.74 0.29
C TYR B 214 -14.97 2.69 -0.16
N LYS B 215 -15.74 3.68 0.28
CA LYS B 215 -17.14 3.72 -0.09
C LYS B 215 -17.25 4.34 -1.48
N TYR B 216 -18.07 3.72 -2.30
CA TYR B 216 -18.36 4.23 -3.64
C TYR B 216 -19.87 4.35 -3.72
N TYR B 217 -20.37 5.32 -4.47
CA TYR B 217 -21.81 5.44 -4.60
C TYR B 217 -22.35 4.15 -5.17
N CYS B 218 -23.46 3.66 -4.65
CA CYS B 218 -24.09 2.46 -5.20
C CYS B 218 -25.50 2.78 -5.71
N GLU B 219 -25.77 2.47 -6.98
CA GLU B 219 -27.10 2.73 -7.58
C GLU B 219 -28.23 2.11 -6.77
N GLU B 220 -27.91 1.00 -6.12
CA GLU B 220 -28.92 0.16 -5.47
C GLU B 220 -29.20 0.63 -4.05
N CYS B 221 -28.15 1.02 -3.34
CA CYS B 221 -28.30 1.56 -2.01
C CYS B 221 -28.67 3.03 -2.11
N ARG B 222 -28.47 3.59 -3.30
CA ARG B 222 -28.63 5.03 -3.55
C ARG B 222 -27.90 5.85 -2.49
N SER B 223 -26.69 5.43 -2.17
CA SER B 223 -25.84 6.10 -1.20
C SER B 223 -24.46 5.51 -1.36
N LYS B 224 -23.46 6.15 -0.78
CA LYS B 224 -22.11 5.63 -0.79
C LYS B 224 -21.99 4.50 0.22
N GLN B 225 -21.51 3.33 -0.23
CA GLN B 225 -21.29 2.19 0.64
C GLN B 225 -19.94 1.54 0.38
N GLU B 226 -19.43 0.77 1.35
CA GLU B 226 -18.23 -0.03 1.14
C GLU B 226 -18.41 -0.90 -0.08
N ALA B 227 -17.35 -1.06 -0.86
CA ALA B 227 -17.36 -2.00 -1.97
C ALA B 227 -15.97 -2.55 -2.22
N HIS B 228 -15.91 -3.83 -2.55
CA HIS B 228 -14.69 -4.43 -3.04
C HIS B 228 -14.64 -4.25 -4.54
N LYS B 229 -13.52 -3.81 -5.05
CA LYS B 229 -13.38 -3.70 -6.46
C LYS B 229 -12.27 -4.58 -6.91
N ARG B 230 -12.34 -5.05 -8.15
CA ARG B 230 -11.26 -5.88 -8.66
C ARG B 230 -11.23 -5.78 -10.19
N MET B 231 -10.04 -5.66 -10.74
CA MET B 231 -9.87 -5.56 -12.19
C MET B 231 -9.35 -6.86 -12.78
N LYS B 232 -10.03 -7.36 -13.79
CA LYS B 232 -9.59 -8.56 -14.49
C LYS B 232 -9.23 -8.17 -15.92
N VAL B 233 -8.20 -8.81 -16.48
CA VAL B 233 -7.84 -8.58 -17.87
C VAL B 233 -8.56 -9.61 -18.70
N LYS B 234 -9.32 -9.14 -19.67
CA LYS B 234 -10.19 -9.98 -20.47
C LYS B 234 -9.50 -10.37 -21.77
N LYS B 235 -8.88 -9.41 -22.45
CA LYS B 235 -8.14 -9.65 -23.67
C LYS B 235 -6.75 -9.05 -23.54
N LEU B 236 -5.73 -9.88 -23.71
CA LEU B 236 -4.35 -9.43 -23.61
C LEU B 236 -3.88 -8.78 -24.90
N PRO B 237 -3.21 -7.62 -24.81
CA PRO B 237 -2.74 -6.96 -26.03
C PRO B 237 -1.45 -7.58 -26.55
N MET B 238 -1.14 -7.33 -27.82
CA MET B 238 0.12 -7.78 -28.35
C MET B 238 1.21 -7.14 -27.53
N ILE B 239 1.25 -5.82 -27.51
CA ILE B 239 2.16 -5.13 -26.63
C ILE B 239 1.40 -4.63 -25.41
N LEU B 240 1.86 -4.98 -24.22
CA LEU B 240 1.21 -4.51 -23.01
C LEU B 240 1.90 -3.25 -22.51
N ALA B 241 1.19 -2.12 -22.55
CA ALA B 241 1.75 -0.87 -22.03
C ALA B 241 1.28 -0.61 -20.61
N LEU B 242 2.22 -0.67 -19.67
CA LEU B 242 1.89 -0.63 -18.24
C LEU B 242 2.29 0.68 -17.55
N HIS B 243 1.30 1.49 -17.24
CA HIS B 243 1.49 2.70 -16.49
C HIS B 243 1.42 2.45 -14.97
N LEU B 244 2.56 2.57 -14.30
CA LEU B 244 2.58 2.56 -12.85
C LEU B 244 2.07 3.90 -12.30
N LYS B 245 1.00 3.91 -11.50
CA LYS B 245 0.42 5.19 -11.07
C LYS B 245 1.20 5.80 -9.89
N ARG B 246 2.37 6.33 -10.19
CA ARG B 246 3.28 6.81 -9.16
C ARG B 246 2.97 8.26 -8.75
N PHE B 247 2.06 8.90 -9.46
CA PHE B 247 1.66 10.26 -9.05
C PHE B 247 0.30 10.22 -8.42
N LYS B 248 0.24 10.56 -7.13
CA LYS B 248 -1.01 10.67 -6.38
C LYS B 248 -1.16 12.07 -5.83
N TYR B 249 -2.39 12.59 -5.84
CA TYR B 249 -2.63 13.93 -5.33
C TYR B 249 -2.74 13.88 -3.82
N MET B 250 -2.36 14.97 -3.16
CA MET B 250 -2.33 15.05 -1.69
C MET B 250 -3.17 16.20 -1.11
N ASP B 251 -4.28 15.84 -0.45
CA ASP B 251 -5.16 16.83 0.18
C ASP B 251 -4.49 17.52 1.37
N GLN B 252 -3.29 17.06 1.72
CA GLN B 252 -2.53 17.62 2.82
C GLN B 252 -1.58 18.71 2.35
N LEU B 253 -0.89 18.46 1.24
CA LEU B 253 0.06 19.43 0.69
C LEU B 253 -0.56 20.24 -0.47
N HIS B 254 -1.76 19.85 -0.87
CA HIS B 254 -2.49 20.46 -1.99
C HIS B 254 -1.68 20.55 -3.28
N ARG B 255 -1.05 19.42 -3.64
CA ARG B 255 -0.23 19.25 -4.84
C ARG B 255 -0.12 17.77 -5.19
N TYR B 256 0.53 17.45 -6.30
CA TYR B 256 0.78 16.05 -6.66
C TYR B 256 2.11 15.58 -6.07
N THR B 257 2.11 14.39 -5.49
CA THR B 257 3.36 13.81 -4.99
C THR B 257 3.78 12.57 -5.79
N LYS B 258 4.99 12.08 -5.55
CA LYS B 258 5.45 10.89 -6.23
C LYS B 258 5.64 9.74 -5.27
N LEU B 259 4.90 8.66 -5.50
CA LEU B 259 5.06 7.42 -4.76
C LEU B 259 6.33 6.72 -5.21
N SER B 260 7.31 6.65 -4.33
CA SER B 260 8.56 6.00 -4.69
C SER B 260 8.59 4.53 -4.22
N TYR B 261 7.41 3.97 -3.99
CA TYR B 261 7.28 2.55 -3.66
C TYR B 261 8.09 1.67 -4.60
N ARG B 262 8.61 0.60 -4.05
CA ARG B 262 9.28 -0.41 -4.84
C ARG B 262 8.27 -1.24 -5.61
N VAL B 263 8.34 -1.14 -6.93
CA VAL B 263 7.52 -1.93 -7.82
C VAL B 263 8.45 -2.75 -8.66
N VAL B 264 8.44 -4.06 -8.48
CA VAL B 264 9.33 -4.91 -9.25
C VAL B 264 8.73 -5.31 -10.61
N PHE B 265 9.50 -5.18 -11.68
CA PHE B 265 9.02 -5.71 -12.93
C PHE B 265 10.03 -6.66 -13.58
N PRO B 266 9.59 -7.89 -13.90
CA PRO B 266 10.49 -8.93 -14.44
C PRO B 266 10.87 -8.67 -15.87
N LEU B 267 11.94 -9.30 -16.32
CA LEU B 267 12.35 -9.23 -17.72
C LEU B 267 11.42 -10.07 -18.58
N GLU B 268 11.02 -11.23 -18.08
CA GLU B 268 9.98 -11.97 -18.77
C GLU B 268 8.77 -12.15 -17.85
N LEU B 269 7.60 -12.08 -18.47
CA LEU B 269 6.35 -11.99 -17.76
C LEU B 269 5.47 -13.15 -18.18
N ARG B 270 5.02 -13.94 -17.22
CA ARG B 270 4.17 -15.07 -17.51
C ARG B 270 2.73 -14.77 -17.16
N LEU B 271 1.96 -14.36 -18.15
CA LEU B 271 0.54 -14.05 -17.92
C LEU B 271 -0.31 -15.24 -18.33
N PHE B 272 -1.58 -15.22 -17.97
CA PHE B 272 -2.42 -16.36 -18.30
C PHE B 272 -3.28 -16.08 -19.50
N ASN B 273 -3.23 -17.01 -20.44
CA ASN B 273 -4.06 -16.97 -21.63
C ASN B 273 -5.50 -16.78 -21.19
N THR B 274 -6.19 -15.93 -21.93
CA THR B 274 -7.51 -15.44 -21.52
C THR B 274 -8.65 -16.45 -21.78
N SER B 275 -8.53 -17.25 -22.85
CA SER B 275 -9.58 -18.22 -23.21
C SER B 275 -9.16 -19.65 -22.89
N GLY B 276 -9.61 -20.15 -21.74
CA GLY B 276 -9.13 -21.40 -21.15
C GLY B 276 -9.21 -22.72 -21.91
N ASP B 277 -9.72 -22.69 -23.14
CA ASP B 277 -9.62 -23.87 -24.02
C ASP B 277 -8.18 -24.05 -24.46
N ALA B 278 -7.46 -22.91 -24.57
CA ALA B 278 -6.21 -22.79 -25.33
C ALA B 278 -5.20 -23.89 -25.06
N THR B 279 -4.63 -24.39 -26.16
CA THR B 279 -3.57 -25.41 -26.13
C THR B 279 -2.43 -25.04 -25.20
N ASN B 280 -2.08 -23.75 -25.16
CA ASN B 280 -1.18 -23.22 -24.15
C ASN B 280 -1.94 -22.32 -23.18
N PRO B 281 -1.83 -22.60 -21.87
CA PRO B 281 -2.48 -21.75 -20.86
C PRO B 281 -1.67 -20.51 -20.51
N ASP B 282 -0.41 -20.48 -20.91
CA ASP B 282 0.44 -19.35 -20.61
C ASP B 282 0.60 -18.43 -21.81
N ARG B 283 0.64 -17.13 -21.53
CA ARG B 283 1.08 -16.16 -22.51
C ARG B 283 2.34 -15.46 -21.98
N MET B 284 3.48 -15.68 -22.65
CA MET B 284 4.74 -15.09 -22.23
C MET B 284 4.94 -13.74 -22.89
N TYR B 285 5.45 -12.81 -22.11
CA TYR B 285 5.72 -11.46 -22.59
C TYR B 285 7.18 -11.16 -22.28
N ASP B 286 7.85 -10.44 -23.16
CA ASP B 286 9.19 -9.99 -22.83
C ASP B 286 9.20 -8.48 -22.73
N LEU B 287 9.88 -7.97 -21.72
CA LEU B 287 10.07 -6.55 -21.59
C LEU B 287 10.93 -5.98 -22.73
N VAL B 288 10.45 -4.93 -23.38
CA VAL B 288 11.20 -4.34 -24.49
C VAL B 288 11.57 -2.89 -24.23
N ALA B 289 10.83 -2.23 -23.33
CA ALA B 289 11.14 -0.82 -23.05
C ALA B 289 10.58 -0.35 -21.71
N VAL B 290 11.33 0.50 -21.02
CA VAL B 290 10.76 1.14 -19.85
C VAL B 290 11.04 2.63 -19.90
N VAL B 291 10.01 3.41 -19.61
CA VAL B 291 10.12 4.84 -19.45
C VAL B 291 10.32 5.12 -17.98
N VAL B 292 11.41 5.81 -17.67
CA VAL B 292 11.82 6.03 -16.30
C VAL B 292 11.69 7.51 -15.93
N HIS B 293 11.01 7.77 -14.81
CA HIS B 293 10.95 9.11 -14.27
C HIS B 293 11.96 9.29 -13.14
N CYS B 294 12.73 10.38 -13.21
CA CYS B 294 13.74 10.69 -12.20
C CYS B 294 13.33 11.93 -11.42
N GLY B 295 13.30 11.80 -10.09
CA GLY B 295 12.92 12.89 -9.22
C GLY B 295 11.76 12.55 -8.31
N SER B 296 11.12 13.58 -7.76
CA SER B 296 9.98 13.38 -6.87
C SER B 296 8.68 13.73 -7.56
N GLY B 297 8.44 15.02 -7.76
CA GLY B 297 7.24 15.49 -8.40
C GLY B 297 7.17 15.10 -9.86
N PRO B 298 6.00 15.49 -10.54
CA PRO B 298 5.99 15.09 -11.95
C PRO B 298 6.34 16.25 -12.88
N ASN B 299 5.81 17.44 -12.58
CA ASN B 299 6.09 18.62 -13.38
C ASN B 299 7.60 18.77 -13.19
N ARG B 300 8.03 18.37 -11.96
CA ARG B 300 9.40 18.71 -11.55
C ARG B 300 10.50 17.64 -11.83
N GLY B 301 10.43 16.62 -12.74
CA GLY B 301 11.45 15.61 -12.90
C GLY B 301 12.03 15.56 -14.28
N HIS B 302 12.59 14.42 -14.64
CA HIS B 302 13.24 14.20 -15.92
C HIS B 302 12.94 12.78 -16.38
N TYR B 303 12.74 12.57 -17.68
CA TYR B 303 12.44 11.23 -18.20
C TYR B 303 13.56 10.63 -19.06
N ILE B 304 13.72 9.33 -18.96
CA ILE B 304 14.64 8.66 -19.87
C ILE B 304 13.98 7.36 -20.34
N ALA B 305 14.63 6.66 -21.26
CA ALA B 305 14.09 5.40 -21.75
C ALA B 305 15.15 4.30 -21.70
N ILE B 306 14.75 3.11 -21.28
CA ILE B 306 15.60 1.95 -21.37
C ILE B 306 14.98 1.00 -22.35
N VAL B 307 15.74 0.62 -23.38
CA VAL B 307 15.14 -0.11 -24.47
C VAL B 307 15.92 -1.37 -24.79
N LYS B 308 15.23 -2.41 -25.24
CA LYS B 308 15.91 -3.61 -25.70
C LYS B 308 16.15 -3.56 -27.20
N SER B 309 17.41 -3.68 -27.58
CA SER B 309 17.75 -3.80 -28.98
C SER B 309 18.50 -5.10 -29.14
N HIS B 310 17.83 -6.06 -29.75
CA HIS B 310 18.40 -7.40 -29.95
C HIS B 310 18.79 -7.98 -28.62
N ASP B 311 20.08 -8.22 -28.43
CA ASP B 311 20.54 -8.93 -27.25
C ASP B 311 21.14 -8.04 -26.17
N PHE B 312 20.96 -6.73 -26.28
CA PHE B 312 21.46 -5.85 -25.24
C PHE B 312 20.45 -4.78 -24.89
N TRP B 313 20.84 -3.85 -24.05
CA TRP B 313 19.96 -2.76 -23.65
C TRP B 313 20.62 -1.40 -23.83
N LEU B 314 19.84 -0.44 -24.28
CA LEU B 314 20.33 0.92 -24.48
C LEU B 314 19.57 1.87 -23.57
N LEU B 315 20.32 2.76 -22.93
CA LEU B 315 19.73 3.84 -22.16
C LEU B 315 19.68 5.05 -23.06
N PHE B 316 18.48 5.61 -23.20
CA PHE B 316 18.31 6.83 -23.97
C PHE B 316 18.00 7.96 -23.02
N ASP B 317 18.94 8.89 -22.90
CA ASP B 317 18.74 10.08 -22.10
C ASP B 317 18.82 11.30 -23.00
N ASP B 318 17.84 11.76 -23.61
CA ASP B 318 17.77 12.64 -24.78
C ASP B 318 18.83 12.25 -25.80
N ASP B 319 19.89 13.34 -25.68
CA ASP B 319 20.90 13.22 -26.74
C ASP B 319 21.91 12.13 -26.46
N ILE B 320 21.89 11.65 -25.25
CA ILE B 320 22.87 10.67 -24.82
C ILE B 320 22.38 9.24 -24.97
N VAL B 321 23.11 8.40 -25.70
CA VAL B 321 22.75 6.98 -25.78
C VAL B 321 23.89 6.14 -25.24
N GLU B 322 23.58 5.14 -24.44
CA GLU B 322 24.64 4.26 -23.96
C GLU B 322 24.12 2.87 -23.68
N LYS B 323 25.04 1.91 -23.76
CA LYS B 323 24.77 0.51 -23.48
C LYS B 323 24.61 0.33 -21.99
N ILE B 324 23.66 -0.50 -21.58
CA ILE B 324 23.39 -0.73 -20.17
C ILE B 324 23.22 -2.23 -19.89
N ASP B 325 23.75 -2.67 -18.75
CA ASP B 325 23.66 -4.06 -18.33
C ASP B 325 22.22 -4.35 -17.96
N ALA B 326 21.70 -5.49 -18.38
CA ALA B 326 20.34 -5.86 -18.00
C ALA B 326 20.16 -5.81 -16.48
N GLN B 327 21.15 -6.29 -15.72
CA GLN B 327 21.11 -6.23 -14.25
C GLN B 327 20.81 -4.82 -13.70
N ALA B 328 21.13 -3.80 -14.50
CA ALA B 328 21.02 -2.41 -14.07
C ALA B 328 19.58 -1.94 -14.06
N ILE B 329 18.73 -2.64 -14.81
CA ILE B 329 17.29 -2.34 -14.85
C ILE B 329 16.69 -2.36 -13.45
N GLU B 330 17.19 -3.26 -12.60
CA GLU B 330 16.63 -3.44 -11.25
C GLU B 330 16.87 -2.22 -10.38
N GLU B 331 17.79 -1.35 -10.79
CA GLU B 331 17.99 -0.07 -10.13
C GLU B 331 16.72 0.78 -10.18
N PHE B 332 15.82 0.50 -11.12
CA PHE B 332 14.64 1.34 -11.29
C PHE B 332 13.37 0.79 -10.68
N TYR B 333 13.52 -0.26 -9.85
CA TYR B 333 12.40 -0.82 -9.10
C TYR B 333 11.90 0.15 -8.02
N GLY B 334 12.83 0.88 -7.39
CA GLY B 334 12.54 1.80 -6.29
C GLY B 334 12.78 1.38 -4.82
N LEU B 335 12.68 2.38 -3.92
CA LEU B 335 12.26 2.30 -2.49
C LEU B 335 13.03 3.34 -1.66
N LYS B 341 13.51 11.23 -0.35
CA LYS B 341 14.50 11.69 -1.31
C LYS B 341 13.81 11.93 -2.65
N ASN B 342 14.55 11.89 -3.76
CA ASN B 342 13.88 11.81 -5.06
C ASN B 342 14.63 10.83 -5.99
N SER B 343 13.96 9.73 -6.30
CA SER B 343 14.59 8.60 -6.97
C SER B 343 14.20 8.52 -8.42
N GLU B 344 14.84 7.60 -9.15
CA GLU B 344 14.44 7.30 -10.50
C GLU B 344 13.82 5.90 -10.59
N SER B 345 12.62 5.82 -11.12
CA SER B 345 11.87 4.59 -11.10
C SER B 345 11.09 4.38 -12.39
N GLY B 346 10.72 3.13 -12.64
CA GLY B 346 9.95 2.78 -13.81
C GLY B 346 8.62 3.47 -13.70
N TYR B 347 8.20 4.06 -14.81
CA TYR B 347 6.95 4.81 -14.85
C TYR B 347 5.97 4.15 -15.85
N ILE B 348 6.45 3.87 -17.06
CA ILE B 348 5.66 3.13 -18.04
C ILE B 348 6.47 1.92 -18.54
N LEU B 349 5.87 0.75 -18.52
CA LEU B 349 6.59 -0.44 -18.98
C LEU B 349 6.01 -0.98 -20.28
N PHE B 350 6.85 -1.53 -21.14
CA PHE B 350 6.32 -2.05 -22.38
C PHE B 350 6.67 -3.52 -22.55
N TYR B 351 5.67 -4.38 -22.49
CA TYR B 351 5.87 -5.80 -22.62
C TYR B 351 5.37 -6.33 -23.95
N GLN B 352 6.26 -7.00 -24.69
CA GLN B 352 5.89 -7.61 -25.95
C GLN B 352 5.67 -9.13 -25.80
N SER B 353 4.55 -9.63 -26.30
CA SER B 353 4.28 -11.05 -26.22
C SER B 353 5.13 -11.84 -27.20
N ARG B 354 5.29 -13.13 -26.92
CA ARG B 354 6.02 -14.05 -27.80
C ARG B 354 5.16 -14.71 -28.87
N ASP B 355 3.85 -14.62 -28.72
CA ASP B 355 2.89 -15.19 -29.68
C ASP B 355 2.37 -14.14 -30.65
ZN ZN C . 4.06 -25.56 -6.86
C1 GOL D . -7.34 -25.45 2.37
O1 GOL D . -7.35 -25.20 3.75
C2 GOL D . -5.92 -25.33 1.81
O2 GOL D . -5.73 -24.02 1.34
C3 GOL D . -4.92 -25.64 2.92
O3 GOL D . -3.62 -25.80 2.39
ZN ZN E . -25.42 -1.30 -2.66
C1 GOL F . 9.39 23.40 -29.99
O1 GOL F . 9.20 22.91 -31.33
C2 GOL F . 10.27 24.64 -30.03
O2 GOL F . 10.11 25.37 -28.80
C3 GOL F . 11.74 24.23 -30.19
O3 GOL F . 11.91 23.60 -31.47
#